data_3H42
#
_entry.id   3H42
#
_cell.length_a   264.721
_cell.length_b   137.352
_cell.length_c   69.885
_cell.angle_alpha   90.000
_cell.angle_beta   102.840
_cell.angle_gamma   90.000
#
_symmetry.space_group_name_H-M   'C 1 2 1'
#
loop_
_entity.id
_entity.type
_entity.pdbx_description
1 polymer 'Proprotein convertase subtilisin/kexin type 9'
2 polymer 'Proprotein convertase subtilisin/kexin type 9'
3 polymer 'Fab from LDLR competitive antibody: Light chain'
4 polymer 'Fab from LDLR competitive antibody: Heavy chain'
5 non-polymer 'SODIUM ION'
6 water water
#
loop_
_entity_poly.entity_id
_entity_poly.type
_entity_poly.pdbx_seq_one_letter_code
_entity_poly.pdbx_strand_id
1 'polypeptide(L)'
;GAMGQEDEDGDYEELVLALRSEEDGLAEAPEHGTTATFHRCAKDPWRLPGTYVVVLKEETHLSQSERTARRLQAQAARRG
YLTKILHVFHGLLPGFLVKMSGDLLELALKLPHVDYIEEDSSVFAQ
;
A
2 'polypeptide(L)'
;SIPWNLERITPPRYRADEYQPPDGGSLVEVYLLDTSIQSDHREIEGRVMVTDFENVPEEDGTRFHRQASKCDSHGTHLAG
VVSGRDAGVAKGASMRSLRVLNCQGKGTVSGTLIGLEFIRKSQLVQPVGPLVVLLPLAGGYSRVLNAACQRLARAGVVLV
TAAGNFRDDACLYSPASAPEVITVGATNAQDQPVTLGTLGTNFGRCVDLFAPGEDIIGASSDCSTCFVSQSGTSQAAAHV
AGIAAMMLSAEPELTLAELRQRLIHFSAKDVINEAWFPEDQRVLTPNLVAALPPSTHGAGWQLFCRTVWSAHSGPTRMAT
AIARCAPDEELLSCSSFSRSGKRRGERMEAQGGKLVCRAHNAFGGEGVYAIARCCLLPQAACSVHTAPPAEASMGTRVHC
HQQGHVLTGCSSHWEVEDLGTHKPPVLRPRGQPNQCVGHREASIHASCCHAPGLECKVKEHGIPAPQGQVTVACEEGWTL
TGCSALPGTSHVLGAYAVDNTCVVRSRDVSTTGSTSEEAVTAVAICCRSRHLAQASQELQ
;
B
3 'polypeptide(L)'
;ESVLTQPPSVSGAPGQRVTISCTGSSSNIGAGYDVHWYQQLPGTAPKLLISGNSNRPSGVPDRFSGSKSGTSASLAITGL
QAEDEADYYCQSYDSSLSGSVFGGGTKLTVLGQPKAAPSVTLFPPSSEELQANKATLVCLISDFYPGAVTVAWKADSSPV
KAGVETTTPSKQSNNKYAASSYLSLTPEQWKSHRSYSCQVTHEGSTVEKTVAPTECS
;
L
4 'polypeptide(L)'
;EVQLVESGGGLVKPGGSLRLSCAASGFTFSSYSMNWVRQAPGKGLEWVSSISSSSSYISYADSVKGRFTISRDNAKNSLY
LQMNSLRAEDTAVYFCARDYDFWSAYYDAFDVWGQGTMVTVSSASTKGPSVFPLAPSSKSTSGGTAALGCLVKDYFPEPV
TVSWNSGALTSGVHTFPAVLQSSGLYSLSSVVTVPSSSLGTQTYICNVNHKPSNTKVDKKVEPKSCAADEVDHHHHHH
;
H
#
# COMPACT_ATOMS: atom_id res chain seq x y z
N THR A 35 11.26 18.66 34.19
CA THR A 35 11.74 19.73 33.28
C THR A 35 11.13 19.62 31.87
N ALA A 36 11.31 20.66 31.07
CA ALA A 36 10.69 20.74 29.75
C ALA A 36 11.38 19.82 28.74
N THR A 37 10.57 19.06 28.00
CA THR A 37 11.09 18.10 27.03
C THR A 37 10.86 18.57 25.60
N PHE A 38 11.67 18.06 24.67
CA PHE A 38 11.49 18.34 23.25
C PHE A 38 10.96 17.11 22.51
N HIS A 39 10.03 17.34 21.58
CA HIS A 39 9.42 16.26 20.82
C HIS A 39 9.43 16.56 19.33
N ARG A 40 9.57 15.51 18.53
CA ARG A 40 9.54 15.66 17.08
C ARG A 40 8.94 14.39 16.48
N CYS A 41 8.50 14.49 15.24
CA CYS A 41 7.91 13.34 14.54
C CYS A 41 8.95 12.24 14.39
N ALA A 42 8.56 11.00 14.70
CA ALA A 42 9.46 9.86 14.54
C ALA A 42 9.76 9.58 13.06
N LYS A 43 8.83 9.96 12.17
CA LYS A 43 9.00 9.72 10.74
C LYS A 43 9.75 10.88 10.11
N ASP A 44 11.04 10.69 9.86
CA ASP A 44 11.93 11.80 9.54
C ASP A 44 11.50 12.66 8.36
N PRO A 45 11.02 12.03 7.27
CA PRO A 45 10.59 12.85 6.12
C PRO A 45 9.32 13.68 6.32
N TRP A 46 8.60 13.42 7.42
CA TRP A 46 7.38 14.18 7.72
C TRP A 46 7.68 15.34 8.65
N ARG A 47 8.93 15.43 9.09
CA ARG A 47 9.37 16.51 9.97
C ARG A 47 9.37 17.85 9.25
N LEU A 48 8.99 18.91 9.97
CA LEU A 48 9.06 20.26 9.43
C LEU A 48 9.87 21.18 10.36
N PRO A 49 11.20 20.99 10.42
CA PRO A 49 12.03 21.77 11.35
C PRO A 49 11.97 23.28 11.04
N GLY A 50 12.19 24.10 12.07
CA GLY A 50 12.11 25.54 11.87
C GLY A 50 10.81 26.16 12.35
N THR A 51 9.81 25.33 12.66
CA THR A 51 8.60 25.81 13.29
C THR A 51 8.26 24.91 14.48
N TYR A 52 7.87 25.54 15.59
CA TYR A 52 7.71 24.84 16.85
C TYR A 52 6.46 25.32 17.59
N VAL A 53 5.77 24.37 18.22
CA VAL A 53 4.71 24.71 19.15
C VAL A 53 5.30 24.64 20.54
N VAL A 54 5.29 25.76 21.25
CA VAL A 54 5.74 25.79 22.62
C VAL A 54 4.53 25.66 23.52
N VAL A 55 4.43 24.53 24.21
CA VAL A 55 3.27 24.28 25.06
C VAL A 55 3.64 24.64 26.50
N LEU A 56 2.82 25.50 27.10
CA LEU A 56 3.08 25.96 28.46
C LEU A 56 2.27 25.11 29.45
N LYS A 57 2.71 25.10 30.70
CA LYS A 57 2.01 24.34 31.74
C LYS A 57 0.55 24.76 31.79
N GLU A 58 -0.33 23.82 32.11
CA GLU A 58 -1.75 24.13 32.11
C GLU A 58 -2.11 25.10 33.23
N GLU A 59 -3.16 25.88 33.01
CA GLU A 59 -3.56 26.96 33.92
C GLU A 59 -2.77 28.25 33.66
N THR A 60 -1.79 28.18 32.77
CA THR A 60 -1.13 29.40 32.31
C THR A 60 -2.13 30.28 31.57
N HIS A 61 -2.17 31.56 31.93
CA HIS A 61 -3.13 32.48 31.33
C HIS A 61 -2.61 33.09 30.03
N LEU A 62 -3.53 33.61 29.23
CA LEU A 62 -3.20 34.18 27.92
C LEU A 62 -2.09 35.23 28.01
N SER A 63 -2.20 36.11 28.98
CA SER A 63 -1.22 37.20 29.10
C SER A 63 0.16 36.65 29.43
N GLN A 64 0.21 35.51 30.10
CA GLN A 64 1.48 34.84 30.38
C GLN A 64 2.09 34.21 29.12
N SER A 65 1.27 33.53 28.32
CA SER A 65 1.74 32.97 27.05
C SER A 65 2.20 34.09 26.13
N GLU A 66 1.43 35.17 26.08
CA GLU A 66 1.76 36.32 25.25
C GLU A 66 3.15 36.85 25.66
N ARG A 67 3.37 37.02 26.96
CA ARG A 67 4.64 37.54 27.47
C ARG A 67 5.81 36.59 27.26
N THR A 68 5.56 35.29 27.43
CA THR A 68 6.60 34.30 27.23
C THR A 68 7.08 34.28 25.78
N ALA A 69 6.14 34.41 24.84
CA ALA A 69 6.50 34.50 23.42
C ALA A 69 7.40 35.71 23.16
N ARG A 70 7.04 36.87 23.71
CA ARG A 70 7.83 38.08 23.48
C ARG A 70 9.18 38.00 24.19
N ARG A 71 9.21 37.27 25.31
CA ARG A 71 10.46 37.03 26.01
C ARG A 71 11.40 36.21 25.13
N LEU A 72 10.89 35.13 24.55
CA LEU A 72 11.71 34.30 23.67
C LEU A 72 12.26 35.14 22.53
N GLN A 73 11.42 35.97 21.93
CA GLN A 73 11.85 36.80 20.81
C GLN A 73 13.01 37.71 21.20
N ALA A 74 12.90 38.33 22.37
CA ALA A 74 13.89 39.31 22.82
C ALA A 74 15.20 38.62 23.14
N GLN A 75 15.13 37.45 23.75
CA GLN A 75 16.32 36.67 24.03
C GLN A 75 17.02 36.24 22.75
N ALA A 76 16.24 35.81 21.77
CA ALA A 76 16.81 35.32 20.52
C ALA A 76 17.43 36.48 19.74
N ALA A 77 16.81 37.65 19.86
CA ALA A 77 17.27 38.84 19.14
C ALA A 77 18.64 39.27 19.66
N ARG A 78 18.83 39.17 20.97
CA ARG A 78 20.10 39.52 21.58
C ARG A 78 21.23 38.59 21.15
N ARG A 79 20.86 37.39 20.68
CA ARG A 79 21.84 36.43 20.21
C ARG A 79 21.98 36.45 18.69
N GLY A 80 21.33 37.43 18.06
CA GLY A 80 21.49 37.61 16.63
C GLY A 80 20.50 36.83 15.77
N TYR A 81 19.42 36.35 16.40
CA TYR A 81 18.44 35.54 15.68
C TYR A 81 17.13 36.29 15.47
N LEU A 82 16.65 36.30 14.23
CA LEU A 82 15.30 36.73 13.95
C LEU A 82 14.34 35.58 14.21
N THR A 83 13.21 35.88 14.86
CA THR A 83 12.16 34.89 15.06
C THR A 83 10.80 35.50 14.75
N LYS A 84 9.81 34.66 14.50
CA LYS A 84 8.45 35.14 14.28
C LYS A 84 7.45 34.35 15.13
N ILE A 85 6.65 35.09 15.90
CA ILE A 85 5.50 34.49 16.58
C ILE A 85 4.38 34.42 15.54
N LEU A 86 3.89 33.21 15.27
CA LEU A 86 2.90 33.03 14.23
C LEU A 86 1.50 33.00 14.83
N HIS A 87 1.42 32.64 16.12
CA HIS A 87 0.13 32.43 16.78
C HIS A 87 0.33 32.26 18.28
N VAL A 88 -0.58 32.79 19.08
CA VAL A 88 -0.57 32.52 20.51
C VAL A 88 -1.86 31.80 20.86
N PHE A 89 -1.74 30.59 21.40
CA PHE A 89 -2.89 29.75 21.68
C PHE A 89 -3.54 30.14 23.00
N HIS A 90 -4.86 30.10 23.02
CA HIS A 90 -5.63 30.20 24.25
C HIS A 90 -7.01 29.59 24.00
N GLY A 91 -7.49 28.81 24.96
CA GLY A 91 -8.80 28.21 24.82
C GLY A 91 -8.77 26.69 24.72
N LEU A 92 -7.78 26.16 24.02
CA LEU A 92 -7.58 24.71 23.96
C LEU A 92 -6.32 24.34 24.72
N LEU A 93 -5.18 24.82 24.23
CA LEU A 93 -3.91 24.68 24.94
C LEU A 93 -3.32 26.07 25.13
N PRO A 94 -2.56 26.28 26.21
CA PRO A 94 -1.80 27.51 26.38
C PRO A 94 -0.41 27.38 25.74
N GLY A 95 -0.04 28.37 24.94
CA GLY A 95 1.27 28.35 24.32
C GLY A 95 1.30 29.19 23.06
N PHE A 96 2.28 28.93 22.20
CA PHE A 96 2.40 29.71 21.00
C PHE A 96 3.15 28.96 19.91
N LEU A 97 3.00 29.47 18.69
CA LEU A 97 3.63 28.89 17.50
C LEU A 97 4.72 29.86 17.09
N VAL A 98 5.95 29.35 16.96
CA VAL A 98 7.08 30.21 16.65
C VAL A 98 7.91 29.66 15.50
N LYS A 99 8.23 30.53 14.56
CA LYS A 99 9.16 30.18 13.49
C LYS A 99 10.55 30.68 13.88
N MET A 100 11.48 29.76 14.05
CA MET A 100 12.82 30.10 14.53
C MET A 100 13.82 29.01 14.23
N SER A 101 15.10 29.33 14.33
CA SER A 101 16.15 28.33 14.16
C SER A 101 16.15 27.30 15.29
N GLY A 102 16.39 26.05 14.94
CA GLY A 102 16.52 25.00 15.93
C GLY A 102 17.70 25.23 16.88
N ASP A 103 18.60 26.11 16.50
CA ASP A 103 19.70 26.51 17.39
C ASP A 103 19.16 26.98 18.73
N LEU A 104 17.96 27.54 18.72
CA LEU A 104 17.41 28.24 19.87
C LEU A 104 16.61 27.33 20.82
N LEU A 105 16.53 26.04 20.49
CA LEU A 105 15.70 25.13 21.28
C LEU A 105 16.12 25.04 22.73
N GLU A 106 17.42 24.98 22.98
CA GLU A 106 17.92 24.91 24.35
C GLU A 106 17.50 26.16 25.11
N LEU A 107 17.63 27.30 24.45
CA LEU A 107 17.19 28.57 25.02
C LEU A 107 15.70 28.53 25.35
N ALA A 108 14.90 28.02 24.42
CA ALA A 108 13.45 28.05 24.56
C ALA A 108 12.98 27.12 25.66
N LEU A 109 13.69 25.99 25.80
CA LEU A 109 13.37 25.00 26.81
C LEU A 109 13.57 25.53 28.24
N LYS A 110 14.30 26.63 28.37
CA LYS A 110 14.55 27.23 29.68
C LYS A 110 13.57 28.34 30.04
N LEU A 111 12.68 28.70 29.12
CA LEU A 111 11.69 29.72 29.40
C LEU A 111 10.76 29.31 30.55
N PRO A 112 10.26 30.30 31.29
CA PRO A 112 9.31 30.03 32.37
C PRO A 112 8.01 29.47 31.82
N HIS A 113 7.38 28.58 32.58
CA HIS A 113 6.07 28.04 32.25
C HIS A 113 6.08 26.92 31.19
N VAL A 114 7.24 26.66 30.58
CA VAL A 114 7.27 25.72 29.47
C VAL A 114 7.11 24.28 29.94
N ASP A 115 6.09 23.62 29.41
CA ASP A 115 5.86 22.20 29.67
C ASP A 115 6.70 21.37 28.70
N TYR A 116 6.49 21.59 27.41
CA TYR A 116 7.33 20.96 26.39
C TYR A 116 7.23 21.70 25.07
N ILE A 117 8.14 21.40 24.16
CA ILE A 117 8.18 22.03 22.84
C ILE A 117 8.10 20.95 21.77
N GLU A 118 7.25 21.15 20.77
CA GLU A 118 7.14 20.18 19.69
C GLU A 118 7.43 20.79 18.32
N GLU A 119 8.26 20.09 17.56
CA GLU A 119 8.60 20.49 16.20
C GLU A 119 7.41 20.21 15.27
N ASP A 120 7.07 21.18 14.42
CA ASP A 120 5.94 20.99 13.51
C ASP A 120 6.21 19.79 12.60
N SER A 121 5.16 19.22 12.04
CA SER A 121 5.30 18.12 11.10
C SER A 121 4.04 18.01 10.25
N SER A 122 4.10 17.18 9.21
CA SER A 122 3.07 17.16 8.19
C SER A 122 1.92 16.22 8.55
N VAL A 123 0.72 16.54 8.08
CA VAL A 123 -0.39 15.61 8.08
C VAL A 123 -0.91 15.47 6.66
N PHE A 124 -1.56 14.35 6.37
CA PHE A 124 -1.89 13.98 5.00
C PHE A 124 -3.32 13.46 4.90
N ALA A 125 -3.99 13.81 3.81
CA ALA A 125 -5.30 13.24 3.50
C ALA A 125 -5.19 11.71 3.58
N GLN A 126 -6.22 11.07 4.14
CA GLN A 126 -6.29 9.61 4.09
C GLN A 126 -7.43 9.17 3.18
N SER B 1 -29.63 -0.49 -6.21
CA SER B 1 -29.90 0.98 -6.24
C SER B 1 -29.42 1.64 -4.96
N ILE B 2 -29.13 0.81 -3.95
CA ILE B 2 -28.54 1.32 -2.72
C ILE B 2 -27.07 0.92 -2.65
N PRO B 3 -26.18 1.91 -2.47
CA PRO B 3 -24.74 1.64 -2.38
C PRO B 3 -24.46 0.59 -1.31
N TRP B 4 -23.55 -0.33 -1.61
CA TRP B 4 -23.31 -1.48 -0.73
C TRP B 4 -22.95 -1.02 0.67
N ASN B 5 -22.24 0.10 0.76
CA ASN B 5 -21.73 0.60 2.03
C ASN B 5 -22.82 1.22 2.89
N LEU B 6 -23.82 1.82 2.25
CA LEU B 6 -24.95 2.37 2.98
C LEU B 6 -25.85 1.25 3.51
N GLU B 7 -25.99 0.19 2.71
CA GLU B 7 -26.71 -0.99 3.14
C GLU B 7 -25.98 -1.68 4.29
N ARG B 8 -24.65 -1.65 4.26
CA ARG B 8 -23.83 -2.42 5.19
C ARG B 8 -23.92 -1.92 6.62
N ILE B 9 -23.99 -0.60 6.79
CA ILE B 9 -24.10 -0.02 8.13
C ILE B 9 -25.55 -0.03 8.63
N THR B 10 -26.48 -0.36 7.75
CA THR B 10 -27.89 -0.47 8.12
C THR B 10 -28.21 -1.87 8.66
N PRO B 11 -28.64 -1.94 9.93
CA PRO B 11 -28.96 -3.19 10.64
C PRO B 11 -30.27 -3.82 10.17
N PRO B 12 -30.53 -5.07 10.58
CA PRO B 12 -31.75 -5.79 10.21
C PRO B 12 -33.04 -5.05 10.59
N ARG B 13 -33.20 -4.78 11.89
CA ARG B 13 -34.41 -4.12 12.37
C ARG B 13 -34.20 -2.60 12.45
N TYR B 14 -34.34 -1.93 11.30
CA TYR B 14 -34.05 -0.51 11.22
C TYR B 14 -35.33 0.33 11.15
N TYR B 19 -36.38 7.84 13.08
CA TYR B 19 -35.19 7.72 13.92
C TYR B 19 -35.19 8.79 15.00
N LEU B 27 -30.03 20.12 14.47
CA LEU B 27 -29.70 20.10 15.90
C LEU B 27 -28.20 19.87 16.12
N VAL B 28 -27.63 18.91 15.41
CA VAL B 28 -26.21 18.57 15.56
C VAL B 28 -25.38 19.13 14.41
N GLU B 29 -24.18 19.59 14.72
CA GLU B 29 -23.29 20.12 13.69
C GLU B 29 -22.07 19.22 13.49
N VAL B 30 -21.74 18.92 12.23
CA VAL B 30 -20.53 18.18 11.91
C VAL B 30 -19.47 19.10 11.31
N TYR B 31 -18.32 19.20 11.95
CA TYR B 31 -17.21 19.94 11.38
C TYR B 31 -16.28 19.03 10.60
N LEU B 32 -15.87 19.47 9.41
CA LEU B 32 -14.93 18.75 8.58
C LEU B 32 -13.64 19.56 8.45
N LEU B 33 -12.53 18.99 8.90
CA LEU B 33 -11.22 19.55 8.62
C LEU B 33 -10.55 18.76 7.49
N ASP B 34 -10.48 19.36 6.31
CA ASP B 34 -9.95 18.66 5.15
C ASP B 34 -9.53 19.66 4.06
N THR B 35 -9.61 19.23 2.81
CA THR B 35 -9.29 20.10 1.68
C THR B 35 -10.45 21.07 1.52
N SER B 36 -10.31 22.02 0.59
CA SER B 36 -11.42 22.85 0.21
C SER B 36 -12.54 21.94 -0.31
N ILE B 37 -13.78 22.43 -0.28
CA ILE B 37 -14.90 21.65 -0.80
C ILE B 37 -15.68 22.43 -1.85
N GLN B 38 -16.44 21.69 -2.67
CA GLN B 38 -17.33 22.29 -3.65
C GLN B 38 -18.74 22.39 -3.05
N SER B 39 -19.04 23.54 -2.44
CA SER B 39 -20.26 23.66 -1.65
C SER B 39 -21.51 23.83 -2.52
N ASP B 40 -21.31 24.04 -3.81
CA ASP B 40 -22.42 24.14 -4.77
C ASP B 40 -22.94 22.78 -5.24
N HIS B 41 -22.26 21.71 -4.84
CA HIS B 41 -22.63 20.39 -5.33
C HIS B 41 -24.01 19.98 -4.84
N ARG B 42 -24.77 19.32 -5.71
CA ARG B 42 -26.17 19.03 -5.45
C ARG B 42 -26.34 18.16 -4.22
N GLU B 43 -25.30 17.41 -3.87
CA GLU B 43 -25.39 16.50 -2.73
C GLU B 43 -25.42 17.24 -1.39
N ILE B 44 -24.76 18.40 -1.34
CA ILE B 44 -24.55 19.09 -0.08
C ILE B 44 -25.01 20.55 -0.08
N GLU B 45 -25.40 21.06 -1.24
CA GLU B 45 -25.69 22.49 -1.36
C GLU B 45 -26.71 22.97 -0.33
N GLY B 46 -26.40 24.09 0.31
CA GLY B 46 -27.32 24.68 1.25
C GLY B 46 -27.32 24.00 2.61
N ARG B 47 -26.61 22.90 2.73
CA ARG B 47 -26.53 22.18 3.99
C ARG B 47 -25.13 22.22 4.62
N VAL B 48 -24.11 22.48 3.80
CA VAL B 48 -22.77 22.69 4.32
C VAL B 48 -22.32 24.13 4.14
N MET B 49 -21.82 24.73 5.20
CA MET B 49 -21.29 26.08 5.15
C MET B 49 -19.77 26.06 5.15
N VAL B 50 -19.18 26.83 4.25
CA VAL B 50 -17.73 27.02 4.25
C VAL B 50 -17.37 28.11 5.25
N THR B 51 -16.73 27.74 6.35
CA THR B 51 -16.23 28.76 7.28
C THR B 51 -15.10 29.49 6.57
N ASP B 52 -14.68 30.63 7.11
CA ASP B 52 -13.57 31.28 6.44
C ASP B 52 -12.22 30.87 7.01
N PHE B 53 -12.20 29.74 7.72
CA PHE B 53 -10.94 29.22 8.22
C PHE B 53 -10.14 28.48 7.15
N GLU B 54 -8.90 28.90 6.97
CA GLU B 54 -7.96 28.07 6.23
C GLU B 54 -6.53 28.34 6.66
N ASN B 55 -5.81 27.26 6.89
CA ASN B 55 -4.40 27.32 7.27
C ASN B 55 -3.71 26.11 6.64
N VAL B 56 -3.08 26.32 5.50
CA VAL B 56 -2.45 25.23 4.76
C VAL B 56 -1.09 25.65 4.24
N PRO B 57 -0.15 24.69 4.12
CA PRO B 57 1.14 24.92 3.49
C PRO B 57 1.01 25.15 1.98
N GLU B 58 1.97 25.89 1.42
CA GLU B 58 2.14 26.02 -0.03
C GLU B 58 2.21 24.64 -0.70
N GLU B 59 1.58 24.49 -1.86
CA GLU B 59 1.81 23.31 -2.68
C GLU B 59 3.28 23.23 -3.11
N ASP B 60 3.74 22.03 -3.46
CA ASP B 60 5.05 21.88 -4.08
C ASP B 60 4.93 22.32 -5.54
N GLY B 61 5.44 23.52 -5.84
CA GLY B 61 5.24 24.11 -7.14
C GLY B 61 5.83 23.36 -8.32
N THR B 62 6.86 22.55 -8.09
CA THR B 62 7.50 21.82 -9.20
C THR B 62 6.61 20.71 -9.75
N ARG B 63 5.59 20.32 -9.00
CA ARG B 63 4.63 19.31 -9.45
C ARG B 63 3.20 19.83 -9.48
N PHE B 64 3.01 21.12 -9.27
CA PHE B 64 1.66 21.66 -9.16
C PHE B 64 1.25 22.45 -10.41
N HIS B 65 0.18 22.01 -11.05
CA HIS B 65 -0.37 22.71 -12.20
C HIS B 65 -1.81 23.09 -11.87
N ARG B 66 -1.99 24.33 -11.46
CA ARG B 66 -3.26 24.80 -10.92
C ARG B 66 -4.44 24.55 -11.84
N GLN B 67 -4.25 24.74 -13.15
CA GLN B 67 -5.34 24.59 -14.10
C GLN B 67 -5.82 23.14 -14.22
N ALA B 68 -4.95 22.18 -13.95
CA ALA B 68 -5.32 20.77 -14.06
C ALA B 68 -5.80 20.20 -12.72
N SER B 69 -5.36 20.82 -11.63
CA SER B 69 -5.61 20.30 -10.29
C SER B 69 -7.08 20.42 -9.87
N LYS B 70 -7.60 19.37 -9.24
CA LYS B 70 -8.91 19.43 -8.61
C LYS B 70 -8.75 19.57 -7.10
N CYS B 71 -8.72 20.81 -6.62
CA CYS B 71 -8.40 21.06 -5.22
C CYS B 71 -9.49 20.58 -4.27
N ASP B 72 -10.71 20.43 -4.78
CA ASP B 72 -11.90 20.14 -3.97
C ASP B 72 -12.21 18.65 -3.87
N SER B 73 -11.46 17.82 -4.57
CA SER B 73 -11.89 16.44 -4.79
C SER B 73 -12.11 15.64 -3.51
N HIS B 74 -11.15 15.70 -2.59
CA HIS B 74 -11.16 14.85 -1.39
C HIS B 74 -12.23 15.32 -0.39
N GLY B 75 -12.25 16.62 -0.10
CA GLY B 75 -13.20 17.13 0.87
C GLY B 75 -14.63 17.02 0.39
N THR B 76 -14.88 17.31 -0.88
CA THR B 76 -16.24 17.27 -1.41
C THR B 76 -16.82 15.88 -1.25
N HIS B 77 -16.00 14.88 -1.57
CA HIS B 77 -16.47 13.51 -1.56
C HIS B 77 -16.82 13.10 -0.14
N LEU B 78 -16.03 13.55 0.82
CA LEU B 78 -16.22 13.18 2.22
C LEU B 78 -17.46 13.86 2.81
N ALA B 79 -17.67 15.12 2.47
CA ALA B 79 -18.87 15.84 2.90
C ALA B 79 -20.08 15.08 2.37
N GLY B 80 -19.99 14.62 1.13
CA GLY B 80 -21.05 13.84 0.53
C GLY B 80 -21.30 12.51 1.22
N VAL B 81 -20.23 11.82 1.61
CA VAL B 81 -20.40 10.56 2.33
C VAL B 81 -21.11 10.78 3.67
N VAL B 82 -20.77 11.88 4.34
CA VAL B 82 -21.37 12.17 5.63
C VAL B 82 -22.85 12.58 5.49
N SER B 83 -23.12 13.51 4.58
CA SER B 83 -24.41 14.20 4.59
C SER B 83 -25.06 14.40 3.21
N GLY B 84 -24.57 13.71 2.19
CA GLY B 84 -25.15 13.87 0.87
C GLY B 84 -26.61 13.45 0.84
N ARG B 85 -27.44 14.13 0.05
CA ARG B 85 -28.87 13.84 0.09
C ARG B 85 -29.24 12.50 -0.55
N ASP B 86 -28.47 12.05 -1.52
CA ASP B 86 -28.73 10.77 -2.17
C ASP B 86 -27.82 9.66 -1.66
N ALA B 87 -26.54 9.96 -1.48
CA ALA B 87 -25.54 8.91 -1.19
C ALA B 87 -24.91 9.06 0.19
N GLY B 88 -25.43 9.98 1.00
CA GLY B 88 -24.87 10.20 2.31
C GLY B 88 -25.38 9.27 3.39
N VAL B 89 -24.68 9.24 4.52
CA VAL B 89 -25.10 8.43 5.66
C VAL B 89 -26.14 9.14 6.51
N ALA B 90 -25.85 10.39 6.89
CA ALA B 90 -26.82 11.23 7.57
C ALA B 90 -27.35 12.28 6.60
N LYS B 91 -28.30 11.87 5.77
CA LYS B 91 -28.73 12.69 4.64
C LYS B 91 -29.23 14.06 5.11
N GLY B 92 -28.72 15.10 4.48
CA GLY B 92 -29.15 16.45 4.79
C GLY B 92 -28.52 17.05 6.03
N ALA B 93 -27.69 16.28 6.73
CA ALA B 93 -27.07 16.75 7.96
C ALA B 93 -26.30 18.05 7.71
N SER B 94 -26.22 18.87 8.74
CA SER B 94 -25.60 20.19 8.65
C SER B 94 -24.08 20.06 8.85
N MET B 95 -23.31 20.74 7.99
CA MET B 95 -21.85 20.67 8.10
C MET B 95 -21.18 22.03 7.99
N ARG B 96 -20.04 22.17 8.66
CA ARG B 96 -19.19 23.34 8.52
C ARG B 96 -17.78 22.86 8.20
N SER B 97 -17.20 23.38 7.11
CA SER B 97 -15.90 22.91 6.67
C SER B 97 -14.78 23.89 7.01
N LEU B 98 -13.65 23.35 7.44
CA LEU B 98 -12.43 24.13 7.63
C LEU B 98 -11.37 23.55 6.70
N ARG B 99 -10.58 24.41 6.07
CA ARG B 99 -9.52 23.94 5.19
C ARG B 99 -8.16 23.85 5.89
N VAL B 100 -7.72 22.63 6.17
CA VAL B 100 -6.38 22.41 6.75
C VAL B 100 -5.48 21.56 5.86
N LEU B 101 -5.97 21.19 4.69
CA LEU B 101 -5.16 20.46 3.70
C LEU B 101 -5.14 21.25 2.40
N ASN B 102 -3.98 21.35 1.77
CA ASN B 102 -3.88 22.09 0.50
C ASN B 102 -4.35 21.22 -0.66
N CYS B 103 -4.15 21.71 -1.89
CA CYS B 103 -4.62 21.00 -3.08
C CYS B 103 -3.92 19.65 -3.21
N GLN B 104 -2.73 19.54 -2.63
CA GLN B 104 -1.96 18.31 -2.69
C GLN B 104 -2.15 17.44 -1.46
N GLY B 105 -3.24 17.68 -0.72
CA GLY B 105 -3.62 16.79 0.36
C GLY B 105 -2.74 16.91 1.59
N LYS B 106 -1.99 18.00 1.68
CA LYS B 106 -0.99 18.13 2.73
C LYS B 106 -1.31 19.30 3.67
N GLY B 107 -1.11 19.07 4.97
CA GLY B 107 -1.30 20.13 5.95
C GLY B 107 -0.20 20.05 7.00
N THR B 108 -0.36 20.76 8.11
CA THR B 108 0.62 20.68 9.20
C THR B 108 -0.07 20.42 10.53
N VAL B 109 0.67 19.86 11.48
CA VAL B 109 0.13 19.72 12.83
C VAL B 109 -0.29 21.10 13.34
N SER B 110 0.52 22.12 13.07
CA SER B 110 0.26 23.44 13.64
C SER B 110 -1.03 24.03 13.06
N GLY B 111 -1.24 23.86 11.76
CA GLY B 111 -2.46 24.35 11.16
C GLY B 111 -3.69 23.62 11.69
N THR B 112 -3.52 22.33 11.93
CA THR B 112 -4.61 21.52 12.45
C THR B 112 -4.98 21.95 13.88
N LEU B 113 -3.98 22.21 14.71
CA LEU B 113 -4.21 22.76 16.04
C LEU B 113 -5.03 24.04 15.97
N ILE B 114 -4.60 24.98 15.13
CA ILE B 114 -5.29 26.25 15.00
C ILE B 114 -6.73 26.04 14.52
N GLY B 115 -6.94 24.99 13.73
CA GLY B 115 -8.30 24.66 13.32
C GLY B 115 -9.12 24.09 14.47
N LEU B 116 -8.50 23.29 15.31
CA LEU B 116 -9.19 22.73 16.45
C LEU B 116 -9.53 23.84 17.45
N GLU B 117 -8.62 24.80 17.61
CA GLU B 117 -8.90 25.95 18.47
C GLU B 117 -10.09 26.76 17.93
N PHE B 118 -10.18 26.90 16.62
CA PHE B 118 -11.28 27.62 15.99
C PHE B 118 -12.61 26.96 16.33
N ILE B 119 -12.64 25.64 16.30
CA ILE B 119 -13.85 24.90 16.63
C ILE B 119 -14.24 25.11 18.08
N ARG B 120 -13.25 25.08 18.97
CA ARG B 120 -13.49 25.34 20.37
C ARG B 120 -14.07 26.74 20.55
N LYS B 121 -13.59 27.68 19.74
CA LYS B 121 -14.06 29.06 19.78
C LYS B 121 -15.52 29.14 19.37
N SER B 122 -15.88 28.44 18.31
CA SER B 122 -17.26 28.45 17.81
C SER B 122 -18.21 27.83 18.82
N GLN B 123 -17.77 26.75 19.46
CA GLN B 123 -18.62 26.00 20.39
C GLN B 123 -19.10 26.88 21.54
N LEU B 124 -18.29 27.87 21.90
CA LEU B 124 -18.60 28.72 23.04
C LEU B 124 -19.64 29.79 22.72
N VAL B 125 -19.45 30.48 21.62
CA VAL B 125 -20.31 31.62 21.27
C VAL B 125 -21.56 31.15 20.53
N GLN B 126 -21.64 29.84 20.27
CA GLN B 126 -22.79 29.30 19.56
C GLN B 126 -23.69 28.49 20.49
N PRO B 127 -24.95 28.24 20.06
CA PRO B 127 -25.94 27.58 20.91
C PRO B 127 -25.52 26.17 21.28
N VAL B 128 -25.27 25.94 22.57
CA VAL B 128 -24.74 24.67 23.01
C VAL B 128 -25.58 23.52 22.48
N GLY B 129 -24.95 22.66 21.69
CA GLY B 129 -25.60 21.51 21.10
C GLY B 129 -24.55 20.48 20.76
N PRO B 130 -24.96 19.27 20.34
CA PRO B 130 -23.95 18.27 20.04
C PRO B 130 -23.14 18.67 18.80
N LEU B 131 -21.82 18.46 18.85
CA LEU B 131 -21.04 18.61 17.64
C LEU B 131 -20.06 17.48 17.39
N VAL B 132 -19.94 17.12 16.12
CA VAL B 132 -19.04 16.07 15.68
C VAL B 132 -17.94 16.74 14.86
N VAL B 133 -16.71 16.32 15.10
CA VAL B 133 -15.58 16.79 14.31
C VAL B 133 -14.94 15.62 13.58
N LEU B 134 -14.92 15.70 12.25
CA LEU B 134 -14.33 14.68 11.41
C LEU B 134 -12.93 15.09 10.96
N LEU B 135 -11.94 14.28 11.31
CA LEU B 135 -10.53 14.51 10.98
C LEU B 135 -9.99 13.42 10.03
N PRO B 136 -10.26 13.54 8.73
CA PRO B 136 -9.91 12.47 7.79
C PRO B 136 -8.46 12.60 7.32
N LEU B 137 -7.53 12.62 8.27
CA LEU B 137 -6.14 12.89 7.95
C LEU B 137 -5.28 12.22 9.00
N ALA B 138 -3.99 12.07 8.72
CA ALA B 138 -3.07 11.51 9.71
C ALA B 138 -1.65 12.01 9.48
N GLY B 139 -0.91 12.13 10.57
CA GLY B 139 0.52 12.35 10.48
C GLY B 139 1.16 11.41 11.49
N GLY B 140 2.42 11.67 11.84
CA GLY B 140 3.09 10.85 12.84
C GLY B 140 2.56 11.14 14.22
N TYR B 141 2.83 10.25 15.18
CA TYR B 141 2.37 10.47 16.52
C TYR B 141 2.79 11.86 16.98
N SER B 142 1.82 12.65 17.45
CA SER B 142 2.11 13.99 17.95
C SER B 142 1.51 14.21 19.34
N ARG B 143 2.37 14.48 20.31
CA ARG B 143 1.90 14.74 21.67
C ARG B 143 0.94 15.93 21.72
N VAL B 144 1.28 17.03 21.05
CA VAL B 144 0.46 18.23 21.14
C VAL B 144 -0.88 18.03 20.42
N LEU B 145 -0.86 17.35 19.29
CA LEU B 145 -2.11 17.11 18.56
C LEU B 145 -3.05 16.19 19.34
N ASN B 146 -2.50 15.12 19.93
CA ASN B 146 -3.29 14.25 20.79
C ASN B 146 -3.84 15.01 22.00
N ALA B 147 -3.04 15.90 22.58
CA ALA B 147 -3.48 16.68 23.74
C ALA B 147 -4.60 17.65 23.38
N ALA B 148 -4.50 18.29 22.22
CA ALA B 148 -5.55 19.19 21.77
C ALA B 148 -6.86 18.42 21.56
N CYS B 149 -6.75 17.21 21.02
CA CYS B 149 -7.94 16.40 20.78
C CYS B 149 -8.57 15.96 22.10
N GLN B 150 -7.74 15.54 23.05
CA GLN B 150 -8.27 15.14 24.35
C GLN B 150 -9.01 16.30 25.02
N ARG B 151 -8.41 17.49 24.97
CA ARG B 151 -9.01 18.66 25.58
C ARG B 151 -10.37 18.99 24.94
N LEU B 152 -10.50 18.80 23.63
CA LEU B 152 -11.78 19.03 22.96
C LEU B 152 -12.79 17.97 23.37
N ALA B 153 -12.33 16.72 23.48
CA ALA B 153 -13.21 15.62 23.82
C ALA B 153 -13.81 15.82 25.20
N ARG B 154 -13.03 16.37 26.12
CA ARG B 154 -13.49 16.62 27.47
C ARG B 154 -14.45 17.81 27.53
N ALA B 155 -14.51 18.60 26.47
CA ALA B 155 -15.50 19.67 26.37
C ALA B 155 -16.78 19.16 25.72
N GLY B 156 -16.87 17.86 25.52
CA GLY B 156 -18.09 17.26 25.00
C GLY B 156 -18.17 17.14 23.48
N VAL B 157 -17.04 17.23 22.81
CA VAL B 157 -17.02 17.07 21.36
C VAL B 157 -16.73 15.62 20.99
N VAL B 158 -17.45 15.11 20.00
CA VAL B 158 -17.17 13.79 19.46
C VAL B 158 -16.20 13.93 18.28
N LEU B 159 -14.97 13.45 18.47
CA LEU B 159 -13.99 13.48 17.40
C LEU B 159 -13.85 12.13 16.72
N VAL B 160 -13.92 12.13 15.40
CA VAL B 160 -13.77 10.92 14.61
C VAL B 160 -12.62 11.10 13.63
N THR B 161 -11.74 10.10 13.54
CA THR B 161 -10.57 10.22 12.67
C THR B 161 -10.26 8.93 11.91
N ALA B 162 -9.54 9.07 10.80
CA ALA B 162 -9.07 7.91 10.04
C ALA B 162 -7.97 7.20 10.82
N ALA B 163 -7.94 5.87 10.73
CA ALA B 163 -6.90 5.10 11.37
C ALA B 163 -5.57 5.28 10.63
N GLY B 164 -5.65 5.59 9.34
CA GLY B 164 -4.46 5.66 8.51
C GLY B 164 -4.40 4.54 7.47
N ASN B 165 -3.66 4.79 6.39
CA ASN B 165 -3.71 3.92 5.21
C ASN B 165 -2.41 3.13 5.01
N PHE B 166 -1.65 2.93 6.08
CA PHE B 166 -0.29 2.44 5.90
C PHE B 166 -0.07 0.99 6.31
N ARG B 167 -1.16 0.26 6.49
CA ARG B 167 -1.10 -1.12 6.95
C ARG B 167 -0.11 -1.25 8.11
N ASP B 168 -0.32 -0.44 9.13
CA ASP B 168 0.62 -0.29 10.22
C ASP B 168 -0.16 -0.18 11.53
N ASP B 169 0.55 -0.13 12.65
CA ASP B 169 -0.07 0.09 13.95
C ASP B 169 -0.53 1.54 14.09
N ALA B 170 -1.84 1.75 14.22
CA ALA B 170 -2.40 3.09 14.27
C ALA B 170 -1.89 3.93 15.45
N CYS B 171 -1.26 3.29 16.41
CA CYS B 171 -0.76 4.02 17.56
C CYS B 171 0.49 4.83 17.24
N LEU B 172 1.01 4.70 16.02
CA LEU B 172 2.19 5.45 15.61
C LEU B 172 1.80 6.71 14.85
N TYR B 173 0.49 6.93 14.76
CA TYR B 173 -0.06 8.05 14.00
C TYR B 173 -0.95 8.93 14.88
N SER B 174 -1.13 10.18 14.48
CA SER B 174 -2.08 11.07 15.16
C SER B 174 -2.91 11.76 14.11
N PRO B 175 -4.16 12.10 14.43
CA PRO B 175 -4.77 11.87 15.75
C PRO B 175 -5.26 10.44 16.02
N ALA B 176 -4.99 9.51 15.12
CA ALA B 176 -5.40 8.12 15.30
C ALA B 176 -5.11 7.61 16.71
N SER B 177 -3.94 7.93 17.25
CA SER B 177 -3.52 7.37 18.53
C SER B 177 -4.10 8.07 19.76
N ALA B 178 -4.87 9.14 19.55
CA ALA B 178 -5.50 9.82 20.67
C ALA B 178 -6.61 8.93 21.24
N PRO B 179 -6.54 8.60 22.54
CA PRO B 179 -7.47 7.60 23.08
C PRO B 179 -8.94 8.03 23.04
N GLU B 180 -9.20 9.30 23.32
CA GLU B 180 -10.56 9.80 23.37
C GLU B 180 -11.16 10.08 22.00
N VAL B 181 -10.35 9.95 20.96
CA VAL B 181 -10.85 10.09 19.59
C VAL B 181 -11.33 8.74 19.06
N ILE B 182 -12.42 8.75 18.32
CA ILE B 182 -12.91 7.51 17.72
C ILE B 182 -12.16 7.25 16.42
N THR B 183 -11.36 6.19 16.41
CA THR B 183 -10.44 5.91 15.32
C THR B 183 -10.98 4.78 14.46
N VAL B 184 -11.13 5.04 13.16
CA VAL B 184 -11.84 4.13 12.29
C VAL B 184 -10.97 3.53 11.19
N GLY B 185 -10.83 2.20 11.19
CA GLY B 185 -10.21 1.50 10.09
C GLY B 185 -11.19 1.24 8.97
N ALA B 186 -10.70 0.72 7.84
CA ALA B 186 -11.54 0.54 6.66
C ALA B 186 -11.67 -0.93 6.25
N THR B 187 -12.90 -1.34 5.92
CA THR B 187 -13.15 -2.69 5.41
C THR B 187 -13.84 -2.61 4.05
N ASN B 188 -13.82 -3.70 3.30
CA ASN B 188 -14.43 -3.71 1.98
C ASN B 188 -15.78 -4.42 1.97
N ALA B 189 -16.32 -4.64 0.77
CA ALA B 189 -17.64 -5.23 0.62
C ALA B 189 -17.71 -6.66 1.17
N GLN B 190 -16.57 -7.33 1.26
CA GLN B 190 -16.53 -8.66 1.87
C GLN B 190 -16.23 -8.58 3.36
N ASP B 191 -16.28 -7.37 3.92
CA ASP B 191 -15.98 -7.15 5.34
C ASP B 191 -14.54 -7.48 5.73
N GLN B 192 -13.62 -7.46 4.75
CA GLN B 192 -12.21 -7.66 5.05
C GLN B 192 -11.45 -6.33 5.04
N PRO B 193 -10.31 -6.26 5.72
CA PRO B 193 -9.54 -5.01 5.77
C PRO B 193 -9.15 -4.57 4.35
N VAL B 194 -9.32 -3.28 4.06
CA VAL B 194 -9.04 -2.77 2.72
C VAL B 194 -7.54 -2.78 2.44
N THR B 195 -7.15 -3.21 1.24
CA THR B 195 -5.78 -2.99 0.78
C THR B 195 -5.76 -1.74 -0.10
N LEU B 196 -4.71 -0.94 0.04
CA LEU B 196 -4.58 0.28 -0.74
C LEU B 196 -3.19 0.28 -1.34
N GLY B 197 -3.08 0.04 -2.65
CA GLY B 197 -1.77 -0.25 -3.19
C GLY B 197 -1.24 -1.48 -2.49
N THR B 198 0.01 -1.46 -2.05
CA THR B 198 0.58 -2.59 -1.33
C THR B 198 0.38 -2.45 0.18
N LEU B 199 -0.32 -1.39 0.59
CA LEU B 199 -0.57 -1.14 2.00
C LEU B 199 -2.07 -1.29 2.26
N GLY B 200 -2.62 -0.51 3.18
CA GLY B 200 -4.03 -0.66 3.49
C GLY B 200 -4.38 -0.09 4.85
N THR B 201 -5.52 -0.48 5.38
CA THR B 201 -5.98 0.11 6.64
C THR B 201 -5.01 -0.22 7.75
N ASN B 202 -4.80 0.74 8.65
CA ASN B 202 -4.04 0.52 9.87
C ASN B 202 -4.87 -0.35 10.82
N PHE B 203 -4.23 -0.83 11.87
CA PHE B 203 -4.86 -1.77 12.80
C PHE B 203 -4.30 -1.55 14.20
N GLY B 204 -4.64 -2.45 15.12
CA GLY B 204 -4.06 -2.37 16.46
C GLY B 204 -5.01 -1.83 17.51
N ARG B 205 -4.51 -1.67 18.73
CA ARG B 205 -5.35 -1.34 19.87
C ARG B 205 -5.89 0.08 19.86
N CYS B 206 -5.34 0.95 18.99
CA CYS B 206 -5.78 2.34 18.91
C CYS B 206 -6.94 2.52 17.93
N VAL B 207 -7.24 1.47 17.18
CA VAL B 207 -8.42 1.45 16.30
C VAL B 207 -9.65 1.01 17.09
N ASP B 208 -10.71 1.81 17.04
CA ASP B 208 -11.90 1.51 17.83
C ASP B 208 -12.85 0.61 17.08
N LEU B 209 -12.95 0.80 15.76
CA LEU B 209 -13.76 -0.08 14.93
C LEU B 209 -13.43 0.17 13.46
N PHE B 210 -13.97 -0.66 12.58
CA PHE B 210 -13.80 -0.49 11.14
C PHE B 210 -15.12 -0.09 10.50
N ALA B 211 -15.05 0.46 9.29
CA ALA B 211 -16.25 0.83 8.56
C ALA B 211 -15.96 0.78 7.06
N PRO B 212 -17.01 0.78 6.22
CA PRO B 212 -16.79 0.67 4.77
C PRO B 212 -15.82 1.75 4.28
N GLY B 213 -14.79 1.33 3.55
CA GLY B 213 -13.80 2.28 3.07
C GLY B 213 -13.22 1.96 1.71
N GLU B 214 -13.86 1.03 0.99
CA GLU B 214 -13.46 0.73 -0.38
C GLU B 214 -14.61 0.95 -1.34
N ASP B 215 -14.33 1.58 -2.48
CA ASP B 215 -15.34 1.70 -3.53
C ASP B 215 -16.58 2.42 -3.00
N ILE B 216 -16.35 3.59 -2.38
CA ILE B 216 -17.40 4.35 -1.73
C ILE B 216 -17.89 5.45 -2.67
N ILE B 217 -19.14 5.35 -3.09
CA ILE B 217 -19.69 6.30 -4.06
C ILE B 217 -19.98 7.60 -3.33
N GLY B 218 -19.70 8.73 -3.98
CA GLY B 218 -19.94 10.02 -3.35
C GLY B 218 -19.78 11.19 -4.29
N ALA B 219 -20.13 12.38 -3.81
CA ALA B 219 -20.05 13.60 -4.63
C ALA B 219 -18.66 13.80 -5.25
N SER B 220 -18.65 14.09 -6.54
CA SER B 220 -17.43 14.46 -7.25
C SER B 220 -17.48 15.93 -7.63
N SER B 221 -16.39 16.65 -7.39
CA SER B 221 -16.36 18.07 -7.68
C SER B 221 -16.18 18.37 -9.16
N ASP B 222 -16.11 17.32 -9.98
CA ASP B 222 -16.08 17.48 -11.43
C ASP B 222 -17.23 18.38 -11.88
N CYS B 223 -18.42 18.11 -11.34
CA CYS B 223 -19.60 18.86 -11.69
C CYS B 223 -20.65 18.65 -10.61
N SER B 224 -21.62 19.55 -10.53
CA SER B 224 -22.51 19.62 -9.38
C SER B 224 -23.45 18.43 -9.20
N THR B 225 -23.54 17.58 -10.21
CA THR B 225 -24.40 16.39 -10.12
C THR B 225 -23.58 15.11 -10.31
N CYS B 226 -22.27 15.27 -10.44
CA CYS B 226 -21.37 14.17 -10.75
C CYS B 226 -21.03 13.36 -9.50
N PHE B 227 -20.83 12.05 -9.66
CA PHE B 227 -20.43 11.18 -8.55
C PHE B 227 -19.16 10.42 -8.89
N VAL B 228 -18.44 10.00 -7.84
CA VAL B 228 -17.23 9.21 -8.03
C VAL B 228 -16.99 8.30 -6.85
N SER B 229 -16.27 7.22 -7.08
CA SER B 229 -16.00 6.22 -6.06
C SER B 229 -14.57 6.39 -5.55
N GLN B 230 -14.38 6.32 -4.23
CA GLN B 230 -13.04 6.47 -3.65
C GLN B 230 -12.81 5.46 -2.53
N SER B 231 -11.53 5.21 -2.19
CA SER B 231 -11.18 4.26 -1.14
C SER B 231 -10.17 4.85 -0.14
N GLY B 232 -10.29 4.45 1.12
CA GLY B 232 -9.35 4.89 2.14
C GLY B 232 -10.01 4.96 3.50
N THR B 233 -9.21 5.07 4.58
CA THR B 233 -9.80 5.17 5.91
C THR B 233 -10.47 6.51 6.14
N SER B 234 -10.20 7.49 5.28
CA SER B 234 -10.97 8.74 5.31
C SER B 234 -12.45 8.47 5.10
N GLN B 235 -12.76 7.68 4.07
CA GLN B 235 -14.15 7.35 3.76
C GLN B 235 -14.78 6.59 4.91
N ALA B 236 -14.02 5.70 5.53
CA ALA B 236 -14.54 4.92 6.65
C ALA B 236 -14.87 5.85 7.81
N ALA B 237 -13.94 6.74 8.15
CA ALA B 237 -14.18 7.68 9.26
C ALA B 237 -15.42 8.52 8.98
N ALA B 238 -15.61 8.88 7.72
CA ALA B 238 -16.78 9.67 7.33
C ALA B 238 -18.08 8.92 7.62
N HIS B 239 -18.06 7.59 7.46
CA HIS B 239 -19.24 6.79 7.75
C HIS B 239 -19.58 6.87 9.23
N VAL B 240 -18.58 6.73 10.09
CA VAL B 240 -18.81 6.78 11.52
C VAL B 240 -19.21 8.17 11.98
N ALA B 241 -18.77 9.21 11.26
CA ALA B 241 -19.17 10.58 11.60
C ALA B 241 -20.64 10.78 11.26
N GLY B 242 -21.07 10.17 10.18
CA GLY B 242 -22.49 10.19 9.82
C GLY B 242 -23.34 9.44 10.83
N ILE B 243 -22.87 8.27 11.25
CA ILE B 243 -23.56 7.48 12.26
C ILE B 243 -23.67 8.24 13.58
N ALA B 244 -22.56 8.85 14.00
CA ALA B 244 -22.59 9.65 15.22
C ALA B 244 -23.61 10.76 15.10
N ALA B 245 -23.69 11.37 13.92
CA ALA B 245 -24.57 12.51 13.70
C ALA B 245 -26.04 12.12 13.80
N MET B 246 -26.38 10.95 13.30
CA MET B 246 -27.75 10.45 13.39
C MET B 246 -28.10 10.05 14.81
N MET B 247 -27.12 9.53 15.54
CA MET B 247 -27.35 9.16 16.93
C MET B 247 -27.61 10.38 17.80
N LEU B 248 -26.84 11.44 17.57
CA LEU B 248 -26.93 12.63 18.40
C LEU B 248 -28.11 13.49 17.99
N SER B 249 -28.55 13.32 16.75
CA SER B 249 -29.73 14.01 16.25
C SER B 249 -30.96 13.50 16.99
N ALA B 250 -30.95 12.22 17.33
CA ALA B 250 -32.07 11.60 18.03
C ALA B 250 -31.92 11.70 19.54
N GLU B 251 -30.68 11.71 20.02
CA GLU B 251 -30.42 11.86 21.45
C GLU B 251 -29.35 12.91 21.72
N PRO B 252 -29.73 14.20 21.65
CA PRO B 252 -28.80 15.34 21.78
C PRO B 252 -28.00 15.31 23.07
N GLU B 253 -28.51 14.59 24.06
CA GLU B 253 -27.89 14.57 25.37
C GLU B 253 -26.82 13.49 25.50
N LEU B 254 -26.78 12.57 24.56
CA LEU B 254 -25.78 11.51 24.56
C LEU B 254 -24.39 12.08 24.79
N THR B 255 -23.62 11.46 25.67
CA THR B 255 -22.23 11.86 25.89
C THR B 255 -21.31 11.05 24.96
N LEU B 256 -20.08 11.51 24.82
CA LEU B 256 -19.08 10.80 24.02
C LEU B 256 -18.90 9.38 24.53
N ALA B 257 -18.72 9.22 25.83
CA ALA B 257 -18.52 7.89 26.42
C ALA B 257 -19.68 6.95 26.08
N GLU B 258 -20.91 7.45 26.24
CA GLU B 258 -22.09 6.65 25.92
C GLU B 258 -22.14 6.32 24.45
N LEU B 259 -21.80 7.30 23.61
CA LEU B 259 -21.84 7.10 22.17
C LEU B 259 -20.81 6.07 21.73
N ARG B 260 -19.61 6.12 22.32
CA ARG B 260 -18.55 5.18 21.96
C ARG B 260 -18.97 3.75 22.32
N GLN B 261 -19.55 3.58 23.51
CA GLN B 261 -19.98 2.27 23.97
C GLN B 261 -21.10 1.72 23.10
N ARG B 262 -21.96 2.60 22.60
CA ARG B 262 -23.05 2.18 21.73
C ARG B 262 -22.56 1.78 20.35
N LEU B 263 -21.63 2.56 19.80
CA LEU B 263 -21.02 2.21 18.53
C LEU B 263 -20.40 0.82 18.61
N ILE B 264 -19.66 0.57 19.68
CA ILE B 264 -19.01 -0.71 19.89
C ILE B 264 -20.06 -1.81 20.02
N HIS B 265 -21.07 -1.56 20.83
CA HIS B 265 -22.07 -2.56 21.15
C HIS B 265 -22.90 -3.00 19.94
N PHE B 266 -23.22 -2.06 19.06
CA PHE B 266 -24.11 -2.34 17.93
C PHE B 266 -23.41 -2.64 16.60
N SER B 267 -22.09 -2.78 16.63
CA SER B 267 -21.34 -3.15 15.42
C SER B 267 -21.43 -4.64 15.14
N ALA B 268 -21.26 -5.03 13.89
CA ALA B 268 -21.15 -6.44 13.55
C ALA B 268 -19.87 -7.01 14.14
N LYS B 269 -20.00 -8.11 14.89
CA LYS B 269 -18.86 -8.75 15.52
C LYS B 269 -18.30 -9.88 14.65
N ASP B 270 -16.97 -10.01 14.63
CA ASP B 270 -16.32 -11.19 14.08
C ASP B 270 -16.55 -11.46 12.59
N VAL B 271 -16.87 -10.42 11.83
CA VAL B 271 -17.02 -10.62 10.39
C VAL B 271 -15.69 -10.51 9.64
N ILE B 272 -14.65 -10.03 10.34
CA ILE B 272 -13.34 -9.82 9.73
C ILE B 272 -12.42 -11.02 9.94
N ASN B 273 -11.76 -11.48 8.89
CA ASN B 273 -10.74 -12.51 9.05
C ASN B 273 -9.43 -11.88 9.52
N GLU B 274 -9.07 -12.15 10.77
CA GLU B 274 -7.96 -11.48 11.43
C GLU B 274 -6.59 -11.93 10.90
N ALA B 275 -6.59 -12.93 10.03
CA ALA B 275 -5.33 -13.43 9.46
C ALA B 275 -4.64 -12.33 8.67
N TRP B 276 -5.43 -11.41 8.14
CA TRP B 276 -4.91 -10.25 7.42
C TRP B 276 -3.94 -9.42 8.28
N PHE B 277 -4.23 -9.32 9.58
CA PHE B 277 -3.37 -8.56 10.49
C PHE B 277 -2.15 -9.38 10.87
N PRO B 278 -1.04 -8.70 11.17
CA PRO B 278 0.09 -9.46 11.72
C PRO B 278 -0.31 -10.16 13.01
N GLU B 279 0.32 -11.30 13.28
CA GLU B 279 -0.11 -12.18 14.35
C GLU B 279 -0.23 -11.45 15.69
N ASP B 280 0.78 -10.65 16.03
CA ASP B 280 0.82 -10.02 17.33
C ASP B 280 -0.13 -8.83 17.46
N GLN B 281 -0.91 -8.56 16.43
CA GLN B 281 -1.88 -7.46 16.46
C GLN B 281 -3.31 -8.00 16.47
N ARG B 282 -3.46 -9.30 16.29
CA ARG B 282 -4.78 -9.89 16.16
C ARG B 282 -5.60 -9.78 17.45
N VAL B 283 -4.94 -9.94 18.59
CA VAL B 283 -5.67 -9.87 19.84
C VAL B 283 -5.99 -8.41 20.18
N LEU B 284 -5.16 -7.50 19.69
CA LEU B 284 -5.28 -6.09 20.02
C LEU B 284 -6.31 -5.34 19.18
N THR B 285 -6.68 -5.91 18.03
CA THR B 285 -7.50 -5.19 17.06
C THR B 285 -8.96 -5.60 17.16
N PRO B 286 -9.86 -4.64 17.41
CA PRO B 286 -11.28 -5.00 17.55
C PRO B 286 -11.84 -5.56 16.25
N ASN B 287 -12.54 -6.68 16.34
CA ASN B 287 -13.17 -7.26 15.18
C ASN B 287 -14.59 -6.72 15.07
N LEU B 288 -14.70 -5.44 14.70
CA LEU B 288 -15.98 -4.73 14.68
C LEU B 288 -16.15 -3.98 13.37
N VAL B 289 -17.32 -4.12 12.76
CA VAL B 289 -17.67 -3.27 11.64
C VAL B 289 -18.90 -2.43 11.96
N ALA B 290 -18.76 -1.12 11.80
CA ALA B 290 -19.75 -0.17 12.30
C ALA B 290 -21.13 -0.45 11.72
N ALA B 291 -22.15 -0.17 12.52
CA ALA B 291 -23.53 -0.19 12.05
C ALA B 291 -24.35 0.79 12.87
N LEU B 292 -25.39 1.35 12.25
CA LEU B 292 -26.36 2.16 12.98
C LEU B 292 -27.07 1.31 14.03
N PRO B 293 -27.21 1.85 15.24
CA PRO B 293 -28.10 1.18 16.19
C PRO B 293 -29.50 1.09 15.60
N PRO B 294 -30.15 -0.08 15.69
CA PRO B 294 -31.49 -0.29 15.13
C PRO B 294 -32.54 0.54 15.85
N SER B 295 -32.05 1.50 16.63
CA SER B 295 -32.86 2.11 17.68
C SER B 295 -32.41 3.53 18.01
N THR B 296 -33.36 4.47 17.98
CA THR B 296 -33.16 5.77 18.61
C THR B 296 -32.88 5.54 20.09
N HIS B 297 -33.47 4.47 20.62
CA HIS B 297 -33.14 3.96 21.95
C HIS B 297 -34.11 2.85 22.35
N TRP B 301 -32.96 -0.16 29.02
CA TRP B 301 -31.66 0.22 29.57
C TRP B 301 -30.76 -1.01 29.71
N GLN B 302 -29.44 -0.81 29.60
CA GLN B 302 -28.49 -1.90 29.73
C GLN B 302 -27.08 -1.45 30.13
N LEU B 303 -26.28 -2.41 30.58
CA LEU B 303 -24.92 -2.15 31.04
C LEU B 303 -23.90 -2.39 29.94
N PHE B 304 -23.23 -1.32 29.51
CA PHE B 304 -22.25 -1.41 28.44
C PHE B 304 -20.84 -1.48 29.01
N CYS B 305 -20.05 -2.43 28.53
CA CYS B 305 -18.62 -2.49 28.85
C CYS B 305 -17.80 -2.68 27.59
N ARG B 306 -16.56 -2.19 27.61
CA ARG B 306 -15.61 -2.37 26.51
C ARG B 306 -14.26 -2.81 27.08
N THR B 307 -13.43 -3.42 26.24
CA THR B 307 -12.09 -3.79 26.66
C THR B 307 -11.06 -2.77 26.17
N VAL B 308 -10.13 -2.42 27.04
CA VAL B 308 -9.07 -1.46 26.71
C VAL B 308 -7.70 -2.08 26.93
N TRP B 309 -6.96 -2.34 25.85
CA TRP B 309 -5.61 -2.84 25.98
C TRP B 309 -4.63 -1.69 26.17
N SER B 310 -3.63 -1.91 27.02
CA SER B 310 -2.56 -0.94 27.18
C SER B 310 -1.48 -1.21 26.15
N ALA B 311 -0.49 -0.31 26.09
CA ALA B 311 0.72 -0.58 25.33
C ALA B 311 1.52 -1.69 26.02
N HIS B 312 2.35 -2.37 25.25
CA HIS B 312 3.31 -3.34 25.78
C HIS B 312 4.21 -2.65 26.82
N SER B 313 4.61 -3.39 27.85
CA SER B 313 5.35 -2.79 28.97
C SER B 313 6.83 -2.59 28.65
N GLY B 314 7.40 -3.51 27.87
CA GLY B 314 8.84 -3.49 27.64
C GLY B 314 9.55 -4.52 28.49
N PRO B 315 10.73 -4.97 28.05
CA PRO B 315 11.48 -6.12 28.62
C PRO B 315 11.98 -5.93 30.05
N THR B 316 12.06 -4.69 30.52
CA THR B 316 12.61 -4.39 31.84
C THR B 316 12.00 -5.29 32.91
N ARG B 317 12.79 -5.57 33.95
CA ARG B 317 12.35 -6.46 35.03
C ARG B 317 11.30 -5.79 35.92
N MET B 318 11.37 -4.47 36.00
CA MET B 318 10.45 -3.70 36.82
C MET B 318 9.44 -2.92 35.97
N ALA B 319 9.33 -3.30 34.70
CA ALA B 319 8.45 -2.60 33.77
C ALA B 319 6.99 -2.89 34.05
N THR B 320 6.15 -1.84 33.95
CA THR B 320 4.71 -1.99 34.16
C THR B 320 3.91 -1.39 33.01
N ALA B 321 2.77 -2.01 32.70
CA ALA B 321 1.84 -1.46 31.73
C ALA B 321 0.62 -0.90 32.44
N ILE B 322 0.03 0.15 31.87
CA ILE B 322 -1.17 0.77 32.45
C ILE B 322 -2.29 0.90 31.44
N ALA B 323 -3.47 0.44 31.82
CA ALA B 323 -4.67 0.60 31.00
C ALA B 323 -5.65 1.48 31.75
N ARG B 324 -6.18 2.50 31.07
CA ARG B 324 -7.08 3.45 31.70
C ARG B 324 -8.44 3.46 31.01
N CYS B 325 -9.46 3.90 31.75
CA CYS B 325 -10.79 4.08 31.18
C CYS B 325 -11.03 5.55 30.90
N ALA B 326 -12.05 5.84 30.11
CA ALA B 326 -12.51 7.22 29.94
C ALA B 326 -13.03 7.74 31.28
N PRO B 327 -13.02 9.07 31.45
CA PRO B 327 -13.41 9.72 32.72
C PRO B 327 -14.81 9.38 33.22
N ASP B 328 -15.77 9.27 32.32
CA ASP B 328 -17.14 8.95 32.70
C ASP B 328 -17.37 7.47 33.00
N GLU B 329 -16.34 6.64 32.78
CA GLU B 329 -16.45 5.20 32.92
C GLU B 329 -15.90 4.71 34.25
N GLU B 330 -16.39 3.56 34.70
CA GLU B 330 -15.82 2.87 35.85
C GLU B 330 -14.97 1.70 35.36
N LEU B 331 -13.82 1.48 36.00
CA LEU B 331 -13.05 0.29 35.74
C LEU B 331 -13.53 -0.85 36.63
N LEU B 332 -14.22 -1.83 36.04
CA LEU B 332 -14.82 -2.90 36.82
C LEU B 332 -13.93 -4.13 37.00
N SER B 333 -12.90 -4.25 36.17
CA SER B 333 -11.93 -5.31 36.37
C SER B 333 -10.62 -5.06 35.61
N CYS B 334 -9.67 -5.97 35.79
CA CYS B 334 -8.30 -5.73 35.39
C CYS B 334 -7.56 -7.05 35.27
N SER B 335 -7.12 -7.38 34.07
CA SER B 335 -6.30 -8.58 33.85
C SER B 335 -5.02 -8.24 33.10
N SER B 336 -4.26 -9.28 32.73
CA SER B 336 -2.98 -9.07 32.07
C SER B 336 -2.62 -10.23 31.15
N PHE B 337 -1.74 -9.97 30.20
CA PHE B 337 -1.36 -10.99 29.22
C PHE B 337 0.08 -10.82 28.76
N SER B 338 0.79 -11.94 28.71
CA SER B 338 2.15 -11.98 28.19
C SER B 338 2.25 -13.22 27.29
N ARG B 339 2.76 -13.05 26.08
CA ARG B 339 2.82 -14.17 25.15
C ARG B 339 3.85 -15.19 25.60
N SER B 340 4.85 -14.73 26.34
CA SER B 340 5.87 -15.62 26.90
C SER B 340 5.33 -16.35 28.12
N GLY B 341 4.39 -15.70 28.82
CA GLY B 341 3.81 -16.30 30.00
C GLY B 341 4.50 -15.84 31.27
N LYS B 342 5.64 -15.18 31.12
CA LYS B 342 6.41 -14.70 32.25
C LYS B 342 5.89 -13.34 32.72
N ARG B 343 5.05 -13.37 33.75
CA ARG B 343 4.47 -12.14 34.29
C ARG B 343 4.28 -12.27 35.79
N ARG B 344 4.07 -11.16 36.46
CA ARG B 344 3.80 -11.18 37.89
C ARG B 344 2.40 -10.66 38.23
N GLY B 345 1.47 -10.81 37.30
CA GLY B 345 0.09 -10.48 37.56
C GLY B 345 -0.27 -9.03 37.34
N GLU B 346 -1.38 -8.59 37.92
CA GLU B 346 -1.87 -7.23 37.74
C GLU B 346 -2.54 -6.72 39.02
N ARG B 347 -2.73 -5.41 39.11
CA ARG B 347 -3.40 -4.81 40.24
C ARG B 347 -4.18 -3.57 39.83
N MET B 348 -5.23 -3.25 40.58
CA MET B 348 -5.97 -2.02 40.36
C MET B 348 -5.54 -0.96 41.36
N GLU B 349 -4.94 0.12 40.86
CA GLU B 349 -4.43 1.18 41.71
C GLU B 349 -5.27 2.44 41.57
N ALA B 350 -5.13 3.35 42.53
CA ALA B 350 -5.70 4.69 42.40
C ALA B 350 -4.63 5.63 41.84
N GLN B 351 -5.04 6.47 40.90
CA GLN B 351 -4.18 7.55 40.39
C GLN B 351 -5.06 8.74 40.04
N GLY B 352 -4.80 9.87 40.67
CA GLY B 352 -5.64 11.03 40.46
C GLY B 352 -7.09 10.71 40.78
N GLY B 353 -7.30 9.94 41.84
CA GLY B 353 -8.65 9.63 42.27
C GLY B 353 -9.42 8.79 41.26
N LYS B 354 -8.70 8.17 40.34
CA LYS B 354 -9.30 7.30 39.34
C LYS B 354 -8.62 5.93 39.42
N LEU B 355 -9.40 4.86 39.21
CA LEU B 355 -8.83 3.52 39.22
C LEU B 355 -8.22 3.15 37.88
N VAL B 356 -6.97 2.72 37.90
CA VAL B 356 -6.30 2.26 36.70
C VAL B 356 -5.89 0.80 36.84
N CYS B 357 -5.55 0.17 35.71
CA CYS B 357 -5.17 -1.23 35.70
C CYS B 357 -3.67 -1.34 35.41
N ARG B 358 -2.92 -1.80 36.40
CA ARG B 358 -1.47 -1.89 36.28
C ARG B 358 -1.00 -3.34 36.22
N ALA B 359 -0.30 -3.69 35.16
CA ALA B 359 0.27 -5.03 35.02
C ALA B 359 1.77 -4.99 35.28
N HIS B 360 2.27 -6.02 35.95
CA HIS B 360 3.68 -6.07 36.33
C HIS B 360 4.41 -7.15 35.53
N ASN B 361 5.61 -6.82 35.09
CA ASN B 361 6.39 -7.75 34.27
C ASN B 361 7.22 -8.69 35.14
N ALA B 362 7.45 -9.91 34.63
CA ALA B 362 8.33 -10.86 35.30
C ALA B 362 9.79 -10.48 35.04
N PHE B 363 10.68 -10.92 35.92
CA PHE B 363 12.09 -10.56 35.82
C PHE B 363 12.76 -11.23 34.64
N GLY B 364 12.12 -12.26 34.08
CA GLY B 364 12.65 -12.89 32.89
C GLY B 364 11.80 -12.66 31.65
N GLY B 365 10.85 -11.74 31.74
CA GLY B 365 9.88 -11.57 30.67
C GLY B 365 10.18 -10.44 29.70
N GLU B 366 9.53 -10.49 28.54
CA GLU B 366 9.75 -9.53 27.47
C GLU B 366 8.75 -8.37 27.50
N GLY B 367 7.76 -8.48 28.37
CA GLY B 367 6.77 -7.42 28.49
C GLY B 367 5.36 -7.95 28.67
N VAL B 368 4.51 -7.14 29.31
CA VAL B 368 3.13 -7.54 29.58
C VAL B 368 2.16 -6.47 29.12
N TYR B 369 0.94 -6.90 28.80
CA TYR B 369 -0.16 -5.96 28.63
C TYR B 369 -1.00 -5.89 29.89
N ALA B 370 -1.48 -4.69 30.19
CA ALA B 370 -2.56 -4.53 31.15
C ALA B 370 -3.85 -4.43 30.35
N ILE B 371 -4.91 -5.06 30.84
CA ILE B 371 -6.17 -5.11 30.11
C ILE B 371 -7.31 -4.71 31.03
N ALA B 372 -7.92 -3.57 30.73
CA ALA B 372 -8.96 -3.03 31.57
C ALA B 372 -10.33 -3.34 30.99
N ARG B 373 -11.31 -3.45 31.87
CA ARG B 373 -12.68 -3.56 31.43
C ARG B 373 -13.42 -2.31 31.89
N CYS B 374 -13.93 -1.54 30.93
CA CYS B 374 -14.45 -0.21 31.22
C CYS B 374 -15.93 -0.14 30.93
N CYS B 375 -16.71 0.32 31.91
CA CYS B 375 -18.16 0.24 31.79
C CYS B 375 -18.86 1.53 32.20
N LEU B 376 -20.02 1.76 31.60
CA LEU B 376 -20.89 2.86 32.00
C LEU B 376 -21.88 2.39 33.05
N LEU B 377 -21.64 2.77 34.30
CA LEU B 377 -22.47 2.38 35.42
C LEU B 377 -22.91 3.65 36.12
N PRO B 378 -24.10 4.16 35.78
CA PRO B 378 -24.56 5.41 36.40
C PRO B 378 -24.73 5.30 37.92
N GLN B 379 -24.28 6.34 38.62
CA GLN B 379 -24.46 6.43 40.07
C GLN B 379 -23.78 5.30 40.82
N ALA B 380 -22.67 4.82 40.29
CA ALA B 380 -21.94 3.74 40.92
C ALA B 380 -20.86 4.29 41.83
N ALA B 381 -20.65 3.61 42.95
CA ALA B 381 -19.51 3.91 43.81
C ALA B 381 -18.67 2.65 43.93
N CYS B 382 -17.59 2.58 43.15
CA CYS B 382 -16.73 1.41 43.15
C CYS B 382 -15.48 1.67 43.98
N SER B 383 -14.77 0.59 44.30
CA SER B 383 -13.59 0.67 45.15
C SER B 383 -12.84 -0.66 45.08
N VAL B 384 -11.56 -0.64 45.46
CA VAL B 384 -10.75 -1.84 45.45
C VAL B 384 -10.42 -2.26 46.88
N HIS B 385 -10.43 -3.57 47.12
CA HIS B 385 -10.09 -4.12 48.42
C HIS B 385 -9.04 -5.22 48.28
N THR B 386 -7.97 -5.12 49.06
CA THR B 386 -6.81 -5.98 48.88
C THR B 386 -6.49 -6.80 50.12
N ALA B 387 -5.99 -8.02 49.90
CA ALA B 387 -5.42 -8.82 50.98
C ALA B 387 -4.02 -9.28 50.55
N PRO B 388 -3.05 -9.22 51.47
CA PRO B 388 -1.68 -9.70 51.23
C PRO B 388 -1.60 -11.23 51.18
N PRO B 389 -0.45 -11.77 50.75
CA PRO B 389 -0.26 -13.22 50.67
C PRO B 389 -0.46 -13.89 52.03
N ALA B 390 -0.85 -15.17 52.01
CA ALA B 390 -1.30 -15.84 53.23
C ALA B 390 -0.41 -17.00 53.67
N GLU B 391 -0.07 -17.87 52.72
CA GLU B 391 0.46 -19.20 53.05
C GLU B 391 -0.62 -19.99 53.79
N ALA B 392 -1.75 -20.21 53.12
CA ALA B 392 -2.83 -21.01 53.66
C ALA B 392 -3.28 -22.01 52.59
N SER B 393 -3.96 -23.06 53.00
CA SER B 393 -4.46 -24.06 52.06
C SER B 393 -5.59 -23.50 51.21
N MET B 394 -6.35 -22.55 51.77
CA MET B 394 -7.43 -21.91 51.03
C MET B 394 -6.94 -20.70 50.24
N GLY B 395 -5.61 -20.51 50.22
CA GLY B 395 -5.04 -19.42 49.45
C GLY B 395 -5.29 -18.07 50.08
N THR B 396 -5.10 -17.01 49.31
CA THR B 396 -5.39 -15.66 49.77
C THR B 396 -6.77 -15.24 49.28
N ARG B 397 -7.56 -14.64 50.17
CA ARG B 397 -8.96 -14.38 49.87
C ARG B 397 -9.38 -12.99 50.31
N VAL B 398 -10.24 -12.35 49.51
CA VAL B 398 -10.82 -11.06 49.88
C VAL B 398 -12.24 -11.00 49.33
N HIS B 399 -13.12 -10.29 50.01
CA HIS B 399 -14.49 -10.15 49.54
C HIS B 399 -15.08 -8.79 49.89
N CYS B 400 -16.18 -8.45 49.22
CA CYS B 400 -16.81 -7.17 49.42
C CYS B 400 -17.69 -7.19 50.66
N HIS B 401 -17.16 -6.69 51.77
CA HIS B 401 -17.84 -6.75 53.07
C HIS B 401 -19.12 -5.93 53.09
N GLN B 402 -19.04 -4.68 52.62
CA GLN B 402 -20.15 -3.75 52.71
C GLN B 402 -21.41 -4.27 52.02
N GLN B 403 -22.56 -3.97 52.60
CA GLN B 403 -23.85 -4.38 52.03
C GLN B 403 -24.18 -3.56 50.81
N GLY B 404 -24.68 -4.22 49.77
CA GLY B 404 -25.02 -3.52 48.54
C GLY B 404 -23.84 -3.31 47.63
N HIS B 405 -22.67 -3.78 48.05
CA HIS B 405 -21.48 -3.73 47.23
C HIS B 405 -21.22 -5.08 46.55
N VAL B 406 -21.16 -5.07 45.23
CA VAL B 406 -21.08 -6.29 44.45
C VAL B 406 -19.66 -6.47 43.90
N LEU B 407 -19.23 -7.72 43.80
CA LEU B 407 -17.91 -8.01 43.25
C LEU B 407 -17.98 -8.03 41.72
N THR B 408 -17.24 -7.15 41.07
CA THR B 408 -17.29 -7.05 39.61
C THR B 408 -16.04 -7.60 38.93
N GLY B 409 -14.95 -7.74 39.68
CA GLY B 409 -13.73 -8.30 39.12
C GLY B 409 -12.67 -8.60 40.15
N CYS B 410 -11.80 -9.57 39.85
CA CYS B 410 -10.69 -9.94 40.72
C CYS B 410 -9.35 -9.76 40.02
N SER B 411 -8.37 -9.24 40.75
CA SER B 411 -7.01 -9.15 40.24
C SER B 411 -6.02 -9.79 41.22
N SER B 412 -4.85 -10.15 40.73
CA SER B 412 -3.85 -10.78 41.57
C SER B 412 -2.44 -10.50 41.05
N HIS B 413 -1.58 -9.97 41.91
CA HIS B 413 -0.17 -9.82 41.56
C HIS B 413 0.72 -10.37 42.67
N TRP B 414 1.86 -10.92 42.29
CA TRP B 414 2.79 -11.50 43.25
C TRP B 414 4.21 -10.99 43.07
N GLU B 415 5.07 -11.31 44.04
CA GLU B 415 6.45 -10.82 44.04
C GLU B 415 7.42 -11.91 43.61
N VAL B 416 7.25 -13.11 44.16
CA VAL B 416 8.12 -14.23 43.81
C VAL B 416 7.94 -14.56 42.33
N GLU B 417 8.77 -15.47 41.81
CA GLU B 417 8.68 -15.86 40.41
C GLU B 417 7.95 -17.18 40.24
N ASP B 418 8.26 -18.16 41.08
CA ASP B 418 7.67 -19.48 40.98
C ASP B 418 6.60 -19.70 42.03
N LEU B 419 5.47 -20.25 41.60
CA LEU B 419 4.34 -20.48 42.50
C LEU B 419 3.83 -21.92 42.37
N PRO B 433 -20.16 -16.33 47.79
CA PRO B 433 -20.55 -15.27 46.85
C PRO B 433 -19.82 -13.95 47.12
N ASN B 434 -19.35 -13.31 46.06
CA ASN B 434 -18.61 -12.05 46.17
C ASN B 434 -17.25 -12.22 46.84
N GLN B 435 -16.52 -13.26 46.47
CA GLN B 435 -15.19 -13.48 47.03
C GLN B 435 -14.14 -13.76 45.96
N CYS B 436 -12.95 -13.18 46.12
CA CYS B 436 -11.81 -13.48 45.27
C CYS B 436 -10.88 -14.46 45.97
N VAL B 437 -10.41 -15.45 45.22
CA VAL B 437 -9.40 -16.37 45.73
C VAL B 437 -8.19 -16.37 44.82
N GLY B 438 -7.04 -16.04 45.40
CA GLY B 438 -5.80 -16.08 44.64
C GLY B 438 -4.82 -17.07 45.23
N HIS B 439 -3.65 -17.17 44.60
CA HIS B 439 -2.58 -18.02 45.11
C HIS B 439 -2.19 -17.53 46.51
N ARG B 440 -1.65 -18.45 47.32
CA ARG B 440 -1.26 -18.13 48.69
C ARG B 440 -0.12 -17.12 48.72
N GLU B 441 0.73 -17.16 47.70
CA GLU B 441 1.91 -16.29 47.64
C GLU B 441 1.58 -14.93 47.03
N ALA B 442 0.38 -14.80 46.48
CA ALA B 442 -0.01 -13.59 45.77
C ALA B 442 -0.92 -12.68 46.60
N SER B 443 -0.85 -11.38 46.33
CA SER B 443 -1.85 -10.45 46.83
C SER B 443 -3.10 -10.56 45.96
N ILE B 444 -4.26 -10.37 46.57
CA ILE B 444 -5.52 -10.49 45.84
C ILE B 444 -6.26 -9.17 45.88
N HIS B 445 -6.85 -8.78 44.76
CA HIS B 445 -7.53 -7.50 44.64
C HIS B 445 -8.96 -7.70 44.15
N ALA B 446 -9.91 -7.04 44.80
CA ALA B 446 -11.31 -7.17 44.44
C ALA B 446 -11.90 -5.82 44.08
N SER B 447 -12.61 -5.77 42.96
CA SER B 447 -13.35 -4.58 42.58
C SER B 447 -14.78 -4.70 43.09
N CYS B 448 -15.20 -3.77 43.93
CA CYS B 448 -16.55 -3.78 44.48
C CYS B 448 -17.29 -2.50 44.09
N CYS B 449 -18.52 -2.64 43.62
CA CYS B 449 -19.31 -1.47 43.28
C CYS B 449 -20.66 -1.47 43.95
N HIS B 450 -21.08 -0.29 44.39
CA HIS B 450 -22.45 -0.07 44.85
C HIS B 450 -23.17 0.68 43.73
N ALA B 451 -24.22 0.08 43.19
CA ALA B 451 -25.01 0.74 42.16
C ALA B 451 -26.43 0.18 42.14
N PRO B 452 -27.41 1.05 41.90
CA PRO B 452 -28.83 0.70 42.04
C PRO B 452 -29.24 -0.44 41.12
N GLY B 453 -29.63 -1.56 41.72
CA GLY B 453 -30.12 -2.69 40.94
C GLY B 453 -29.01 -3.47 40.26
N LEU B 454 -27.77 -3.25 40.66
CA LEU B 454 -26.65 -4.01 40.12
C LEU B 454 -26.64 -5.42 40.69
N GLU B 455 -26.73 -6.42 39.81
CA GLU B 455 -26.48 -7.78 40.24
C GLU B 455 -25.50 -8.49 39.33
N CYS B 456 -24.60 -9.26 39.94
CA CYS B 456 -23.57 -10.00 39.21
C CYS B 456 -23.55 -11.44 39.68
N LYS B 457 -23.14 -12.34 38.80
CA LYS B 457 -22.94 -13.73 39.16
C LYS B 457 -21.68 -14.26 38.49
N VAL B 458 -21.22 -15.43 38.95
CA VAL B 458 -20.04 -16.06 38.38
C VAL B 458 -20.41 -17.22 37.46
N LYS B 459 -19.67 -17.36 36.37
CA LYS B 459 -19.74 -18.54 35.51
C LYS B 459 -18.34 -19.09 35.32
N GLU B 460 -18.23 -20.42 35.30
CA GLU B 460 -16.95 -21.07 35.11
C GLU B 460 -16.96 -22.05 33.95
N HIS B 461 -15.77 -22.39 33.47
CA HIS B 461 -15.60 -23.49 32.52
C HIS B 461 -14.15 -23.96 32.59
N GLY B 462 -13.98 -25.27 32.75
CA GLY B 462 -12.65 -25.84 32.77
C GLY B 462 -12.47 -26.87 31.69
N ILE B 463 -11.25 -27.03 31.21
CA ILE B 463 -10.93 -28.08 30.27
C ILE B 463 -9.67 -28.81 30.73
N PRO B 464 -9.72 -30.15 30.73
CA PRO B 464 -8.60 -30.99 31.18
C PRO B 464 -7.37 -30.77 30.31
N ALA B 465 -7.56 -30.89 29.00
CA ALA B 465 -6.47 -30.66 28.05
C ALA B 465 -6.62 -29.30 27.39
N PRO B 466 -6.01 -28.27 27.98
CA PRO B 466 -6.06 -26.93 27.39
C PRO B 466 -5.38 -26.90 26.03
N GLN B 467 -6.19 -26.86 24.97
CA GLN B 467 -5.69 -26.95 23.60
C GLN B 467 -5.02 -25.64 23.16
N GLY B 468 -5.22 -24.59 23.93
CA GLY B 468 -4.63 -23.30 23.60
C GLY B 468 -5.34 -22.17 24.30
N GLN B 469 -6.64 -22.35 24.52
CA GLN B 469 -7.43 -21.37 25.27
C GLN B 469 -8.70 -21.99 25.85
N VAL B 470 -9.04 -21.58 27.06
CA VAL B 470 -10.32 -21.95 27.67
C VAL B 470 -11.20 -20.71 27.68
N THR B 471 -12.46 -20.85 27.32
CA THR B 471 -13.38 -19.71 27.31
C THR B 471 -14.71 -20.01 27.99
N VAL B 472 -15.37 -18.96 28.45
CA VAL B 472 -16.74 -19.02 28.92
C VAL B 472 -17.41 -17.67 28.65
N ALA B 473 -18.68 -17.69 28.29
CA ALA B 473 -19.38 -16.46 27.92
C ALA B 473 -20.58 -16.22 28.82
N CYS B 474 -20.96 -14.95 28.96
CA CYS B 474 -22.16 -14.59 29.70
C CYS B 474 -23.39 -14.82 28.85
N GLU B 475 -24.46 -15.26 29.49
CA GLU B 475 -25.73 -15.49 28.82
C GLU B 475 -26.29 -14.19 28.23
N GLU B 476 -27.14 -14.33 27.22
CA GLU B 476 -27.85 -13.20 26.66
C GLU B 476 -28.48 -12.38 27.77
N GLY B 477 -28.27 -11.08 27.74
CA GLY B 477 -28.84 -10.20 28.75
C GLY B 477 -27.87 -9.80 29.84
N TRP B 478 -26.77 -10.52 29.96
CA TRP B 478 -25.73 -10.21 30.94
C TRP B 478 -24.49 -9.60 30.27
N THR B 479 -23.74 -8.80 31.02
CA THR B 479 -22.52 -8.19 30.50
C THR B 479 -21.30 -8.70 31.26
N LEU B 480 -20.31 -9.19 30.53
CA LEU B 480 -19.05 -9.61 31.14
C LEU B 480 -18.35 -8.39 31.73
N THR B 481 -18.03 -8.46 33.02
CA THR B 481 -17.30 -7.37 33.68
C THR B 481 -15.93 -7.87 34.15
N GLY B 482 -15.82 -9.16 34.41
CA GLY B 482 -14.58 -9.69 34.94
C GLY B 482 -14.18 -10.99 34.26
N CYS B 483 -12.89 -11.15 33.99
CA CYS B 483 -12.40 -12.35 33.34
C CYS B 483 -11.07 -12.77 33.95
N SER B 484 -10.94 -14.06 34.22
CA SER B 484 -9.93 -14.51 35.15
C SER B 484 -9.70 -16.00 34.95
N ALA B 485 -8.52 -16.47 35.35
CA ALA B 485 -8.25 -17.90 35.40
C ALA B 485 -8.11 -18.34 36.86
N LEU B 486 -8.56 -19.55 37.16
CA LEU B 486 -8.36 -20.11 38.49
C LEU B 486 -6.87 -20.32 38.76
N PRO B 487 -6.41 -19.91 39.96
CA PRO B 487 -4.99 -20.01 40.32
C PRO B 487 -4.50 -21.46 40.41
N GLY B 488 -3.20 -21.62 40.57
CA GLY B 488 -2.63 -22.95 40.77
C GLY B 488 -2.10 -23.58 39.49
N THR B 489 -2.25 -22.88 38.38
CA THR B 489 -1.79 -23.38 37.10
C THR B 489 -0.45 -22.76 36.73
N SER B 490 0.39 -23.52 36.03
CA SER B 490 1.70 -23.03 35.62
C SER B 490 1.66 -22.49 34.18
N HIS B 491 0.69 -22.97 33.41
CA HIS B 491 0.64 -22.65 31.98
C HIS B 491 -0.52 -21.73 31.62
N VAL B 492 -0.58 -20.59 32.30
CA VAL B 492 -1.50 -19.53 31.92
C VAL B 492 -0.72 -18.32 31.42
N LEU B 493 -1.01 -17.90 30.19
CA LEU B 493 -0.36 -16.74 29.59
C LEU B 493 -1.08 -15.46 30.03
N GLY B 494 -2.38 -15.59 30.29
CA GLY B 494 -3.17 -14.46 30.74
C GLY B 494 -4.63 -14.62 30.42
N ALA B 495 -5.40 -13.56 30.65
CA ALA B 495 -6.84 -13.61 30.40
C ALA B 495 -7.34 -12.25 29.93
N TYR B 496 -8.36 -12.24 29.08
CA TYR B 496 -8.97 -11.00 28.63
C TYR B 496 -10.37 -11.23 28.12
N ALA B 497 -11.20 -10.20 28.21
CA ALA B 497 -12.55 -10.24 27.69
C ALA B 497 -12.55 -9.90 26.20
N VAL B 498 -13.27 -10.68 25.42
CA VAL B 498 -13.60 -10.33 24.05
C VAL B 498 -15.12 -10.22 23.94
N ASP B 499 -15.61 -8.98 23.90
CA ASP B 499 -17.05 -8.73 24.00
C ASP B 499 -17.56 -9.33 25.31
N ASN B 500 -18.49 -10.28 25.23
CA ASN B 500 -19.01 -10.94 26.42
C ASN B 500 -18.43 -12.33 26.66
N THR B 501 -17.31 -12.64 26.01
CA THR B 501 -16.65 -13.91 26.27
C THR B 501 -15.36 -13.70 27.03
N CYS B 502 -15.15 -14.54 28.03
CA CYS B 502 -13.92 -14.52 28.82
C CYS B 502 -12.95 -15.52 28.21
N VAL B 503 -11.73 -15.06 27.94
CA VAL B 503 -10.75 -15.89 27.25
C VAL B 503 -9.51 -16.06 28.10
N VAL B 504 -9.20 -17.31 28.43
CA VAL B 504 -7.97 -17.62 29.16
C VAL B 504 -6.98 -18.30 28.22
N ARG B 505 -5.74 -17.82 28.21
CA ARG B 505 -4.73 -18.31 27.28
C ARG B 505 -3.70 -19.19 27.96
N SER B 506 -3.61 -20.44 27.52
CA SER B 506 -2.65 -21.40 28.08
C SER B 506 -1.56 -21.71 27.05
N ARG B 507 -0.36 -22.05 27.53
CA ARG B 507 0.74 -22.38 26.63
C ARG B 507 0.69 -23.85 26.24
N ALA B 519 -5.03 -28.96 33.27
CA ALA B 519 -6.43 -28.51 33.20
C ALA B 519 -6.57 -27.06 33.68
N VAL B 520 -7.30 -26.25 32.91
CA VAL B 520 -7.40 -24.82 33.19
C VAL B 520 -8.86 -24.37 33.24
N THR B 521 -9.16 -23.42 34.13
CA THR B 521 -10.53 -22.94 34.27
C THR B 521 -10.68 -21.44 34.06
N ALA B 522 -11.59 -21.07 33.17
CA ALA B 522 -11.90 -19.67 32.91
C ALA B 522 -13.07 -19.21 33.77
N VAL B 523 -12.87 -18.09 34.47
CA VAL B 523 -13.86 -17.57 35.41
C VAL B 523 -14.38 -16.22 34.93
N ALA B 524 -15.67 -16.15 34.63
CA ALA B 524 -16.32 -14.90 34.23
C ALA B 524 -17.17 -14.34 35.37
N ILE B 525 -17.13 -13.03 35.55
CA ILE B 525 -18.14 -12.34 36.34
C ILE B 525 -19.05 -11.59 35.39
N CYS B 526 -20.34 -11.88 35.48
CA CYS B 526 -21.35 -11.31 34.59
C CYS B 526 -22.31 -10.46 35.39
N CYS B 527 -22.63 -9.26 34.89
CA CYS B 527 -23.58 -8.40 35.60
C CYS B 527 -24.66 -7.85 34.69
N ARG B 528 -25.64 -7.23 35.33
CA ARG B 528 -26.68 -6.48 34.65
C ARG B 528 -27.30 -5.52 35.65
N SER B 529 -28.12 -4.60 35.17
CA SER B 529 -28.89 -3.73 36.04
C SER B 529 -30.37 -3.99 35.83
N ARG B 530 -31.03 -4.53 36.85
CA ARG B 530 -32.47 -4.75 36.78
C ARG B 530 -33.25 -3.45 36.97
N GLU C 1 23.83 5.43 -17.13
CA GLU C 1 23.04 6.68 -17.32
C GLU C 1 21.77 6.68 -16.47
N SER C 2 21.53 5.56 -15.78
CA SER C 2 20.43 5.47 -14.83
C SER C 2 20.86 6.01 -13.46
N VAL C 3 19.92 6.61 -12.73
CA VAL C 3 20.21 7.18 -11.42
C VAL C 3 20.54 6.10 -10.39
N LEU C 4 19.88 4.94 -10.51
CA LEU C 4 20.19 3.79 -9.67
C LEU C 4 21.06 2.81 -10.45
N THR C 5 22.10 2.30 -9.81
CA THR C 5 23.03 1.44 -10.50
C THR C 5 22.85 -0.03 -10.13
N GLN C 6 22.62 -0.88 -11.14
CA GLN C 6 22.57 -2.33 -10.94
C GLN C 6 23.66 -2.98 -11.79
N PRO C 7 24.16 -4.15 -11.37
CA PRO C 7 25.04 -4.90 -12.27
C PRO C 7 24.27 -5.30 -13.53
N PRO C 8 24.94 -5.24 -14.70
CA PRO C 8 24.27 -5.59 -15.96
C PRO C 8 23.73 -7.01 -15.97
N SER C 9 24.42 -7.93 -15.30
CA SER C 9 24.00 -9.33 -15.36
C SER C 9 24.42 -10.12 -14.14
N VAL C 10 23.69 -11.19 -13.85
CA VAL C 10 24.10 -12.14 -12.83
C VAL C 10 23.66 -13.52 -13.30
N SER C 11 24.27 -14.56 -12.74
CA SER C 11 23.91 -15.90 -13.15
C SER C 11 24.15 -16.91 -12.03
N GLY C 12 23.45 -18.03 -12.13
CA GLY C 12 23.63 -19.13 -11.20
C GLY C 12 22.99 -20.39 -11.75
N ALA C 13 23.34 -21.54 -11.18
CA ALA C 13 22.71 -22.80 -11.56
C ALA C 13 21.47 -23.02 -10.68
N PRO C 14 20.55 -23.88 -11.15
CA PRO C 14 19.36 -24.16 -10.33
C PRO C 14 19.78 -24.58 -8.94
N GLY C 15 19.16 -24.00 -7.92
CA GLY C 15 19.49 -24.35 -6.54
C GLY C 15 20.41 -23.37 -5.84
N GLN C 16 21.11 -22.53 -6.59
CA GLN C 16 22.06 -21.59 -5.99
C GLN C 16 21.38 -20.33 -5.47
N ARG C 17 22.12 -19.54 -4.72
CA ARG C 17 21.63 -18.25 -4.24
C ARG C 17 22.38 -17.14 -4.97
N VAL C 18 21.66 -16.19 -5.55
CA VAL C 18 22.32 -15.06 -6.18
C VAL C 18 21.75 -13.78 -5.62
N THR C 19 22.51 -12.69 -5.69
CA THR C 19 22.01 -11.41 -5.25
C THR C 19 22.18 -10.37 -6.36
N ILE C 20 21.34 -9.35 -6.31
CA ILE C 20 21.41 -8.24 -7.24
C ILE C 20 21.40 -6.96 -6.41
N SER C 21 22.41 -6.12 -6.61
CA SER C 21 22.51 -4.89 -5.86
C SER C 21 21.90 -3.71 -6.61
N CYS C 22 21.54 -2.69 -5.85
CA CYS C 22 20.98 -1.46 -6.39
C CYS C 22 21.59 -0.36 -5.55
N THR C 23 22.38 0.52 -6.17
CA THR C 23 22.96 1.62 -5.40
C THR C 23 22.46 2.97 -5.91
N GLY C 24 22.03 3.81 -4.97
CA GLY C 24 21.58 5.13 -5.32
C GLY C 24 22.38 6.22 -4.65
N SER C 25 21.68 7.24 -4.18
CA SER C 25 22.34 8.42 -3.60
C SER C 25 21.47 9.03 -2.52
N SER C 26 21.91 10.18 -2.00
CA SER C 26 21.21 10.88 -0.93
C SER C 26 19.91 11.53 -1.40
N SER C 27 19.71 11.60 -2.72
CA SER C 27 18.46 12.15 -3.23
C SER C 27 17.37 11.11 -3.48
N ASN C 28 17.70 9.82 -3.34
CA ASN C 28 16.69 8.78 -3.46
C ASN C 28 16.72 7.76 -2.33
N ILE C 29 17.47 6.68 -2.51
CA ILE C 29 17.49 5.63 -1.51
C ILE C 29 18.01 6.17 -0.18
N GLY C 30 19.04 7.02 -0.25
CA GLY C 30 19.61 7.59 0.95
C GLY C 30 18.77 8.69 1.58
N ALA C 31 17.66 9.06 0.93
CA ALA C 31 16.79 10.11 1.44
C ALA C 31 15.59 9.51 2.15
N GLY C 32 15.59 8.20 2.34
CA GLY C 32 14.50 7.57 3.07
C GLY C 32 13.35 7.03 2.22
N TYR C 33 13.53 6.98 0.92
CA TYR C 33 12.50 6.40 0.06
C TYR C 33 12.75 4.91 -0.10
N ASP C 34 11.68 4.12 -0.13
CA ASP C 34 11.81 2.66 -0.26
C ASP C 34 12.24 2.25 -1.67
N VAL C 35 12.88 1.09 -1.76
CA VAL C 35 13.18 0.49 -3.06
C VAL C 35 12.13 -0.59 -3.38
N HIS C 36 11.59 -0.55 -4.59
CA HIS C 36 10.72 -1.64 -5.04
C HIS C 36 11.37 -2.38 -6.21
N TRP C 37 11.10 -3.68 -6.31
CA TRP C 37 11.70 -4.51 -7.36
C TRP C 37 10.68 -5.11 -8.32
N TYR C 38 11.06 -5.16 -9.59
CA TYR C 38 10.20 -5.72 -10.61
C TYR C 38 10.93 -6.82 -11.37
N GLN C 39 10.17 -7.83 -11.76
CA GLN C 39 10.68 -8.93 -12.58
C GLN C 39 10.00 -8.82 -13.95
N GLN C 40 10.78 -8.87 -15.01
CA GLN C 40 10.20 -8.89 -16.35
C GLN C 40 10.66 -10.13 -17.09
N LEU C 41 9.74 -11.07 -17.31
CA LEU C 41 10.04 -12.25 -18.10
C LEU C 41 10.12 -11.83 -19.56
N PRO C 42 10.89 -12.58 -20.36
CA PRO C 42 11.07 -12.21 -21.77
C PRO C 42 9.73 -12.03 -22.48
N GLY C 43 9.55 -10.88 -23.13
CA GLY C 43 8.31 -10.62 -23.83
C GLY C 43 7.06 -10.52 -22.96
N THR C 44 7.17 -9.89 -21.80
CA THR C 44 6.00 -9.60 -20.98
C THR C 44 6.16 -8.23 -20.32
N ALA C 45 5.10 -7.79 -19.64
CA ALA C 45 5.16 -6.55 -18.88
C ALA C 45 5.86 -6.82 -17.55
N PRO C 46 6.50 -5.79 -16.99
CA PRO C 46 7.06 -5.92 -15.65
C PRO C 46 5.95 -6.29 -14.68
N LYS C 47 6.29 -7.06 -13.66
CA LYS C 47 5.36 -7.27 -12.55
C LYS C 47 6.07 -7.00 -11.23
N LEU C 48 5.30 -6.59 -10.23
CA LEU C 48 5.84 -6.26 -8.93
C LEU C 48 6.39 -7.52 -8.26
N LEU C 49 7.59 -7.43 -7.71
CA LEU C 49 8.25 -8.57 -7.09
C LEU C 49 8.48 -8.37 -5.58
N ILE C 50 9.02 -7.20 -5.22
CA ILE C 50 9.23 -6.82 -3.84
C ILE C 50 8.78 -5.36 -3.72
N SER C 51 7.99 -5.05 -2.70
CA SER C 51 7.63 -3.67 -2.43
C SER C 51 8.16 -3.26 -1.07
N GLY C 52 8.44 -1.98 -0.90
CA GLY C 52 8.84 -1.46 0.40
C GLY C 52 10.09 -2.13 0.92
N ASN C 53 11.09 -2.28 0.06
CA ASN C 53 12.38 -2.87 0.42
C ASN C 53 12.35 -4.39 0.57
N SER C 54 11.30 -4.92 1.19
CA SER C 54 11.37 -6.30 1.67
C SER C 54 10.07 -7.07 1.71
N ASN C 55 8.97 -6.45 1.26
CA ASN C 55 7.67 -7.12 1.27
C ASN C 55 7.37 -7.88 -0.01
N ARG C 56 6.88 -9.11 0.13
CA ARG C 56 6.50 -9.94 -1.00
C ARG C 56 5.00 -9.86 -1.25
N PRO C 57 4.60 -9.51 -2.47
CA PRO C 57 3.21 -9.61 -2.90
C PRO C 57 2.72 -11.06 -2.82
N SER C 58 1.42 -11.23 -2.65
CA SER C 58 0.80 -12.54 -2.83
C SER C 58 1.26 -13.15 -4.14
N GLY C 59 1.68 -14.41 -4.07
CA GLY C 59 2.06 -15.09 -5.30
C GLY C 59 3.55 -15.11 -5.56
N VAL C 60 4.30 -14.30 -4.81
CA VAL C 60 5.76 -14.34 -4.92
C VAL C 60 6.36 -15.26 -3.87
N PRO C 61 7.09 -16.30 -4.30
CA PRO C 61 7.68 -17.32 -3.42
C PRO C 61 8.65 -16.70 -2.42
N ASP C 62 8.81 -17.33 -1.26
CA ASP C 62 9.71 -16.80 -0.24
C ASP C 62 11.19 -16.98 -0.61
N ARG C 63 11.44 -17.59 -1.76
CA ARG C 63 12.79 -17.66 -2.30
C ARG C 63 13.33 -16.26 -2.56
N PHE C 64 12.41 -15.31 -2.79
CA PHE C 64 12.76 -13.92 -3.07
C PHE C 64 12.73 -13.07 -1.79
N SER C 65 13.77 -12.29 -1.56
CA SER C 65 13.79 -11.38 -0.42
C SER C 65 14.56 -10.11 -0.76
N GLY C 66 14.26 -9.03 -0.06
CA GLY C 66 14.93 -7.78 -0.33
C GLY C 66 15.39 -7.11 0.95
N SER C 67 16.39 -6.25 0.85
CA SER C 67 16.77 -5.42 1.97
C SER C 67 17.32 -4.09 1.50
N LYS C 68 17.32 -3.11 2.40
CA LYS C 68 17.87 -1.79 2.13
C LYS C 68 18.83 -1.37 3.25
N SER C 69 19.90 -0.68 2.87
CA SER C 69 20.85 -0.19 3.85
C SER C 69 21.62 1.02 3.31
N GLY C 70 21.45 2.17 3.95
CA GLY C 70 22.16 3.36 3.52
C GLY C 70 21.67 3.84 2.17
N THR C 71 22.58 3.89 1.19
CA THR C 71 22.20 4.32 -0.15
C THR C 71 22.10 3.15 -1.14
N SER C 72 22.07 1.93 -0.63
CA SER C 72 21.94 0.78 -1.50
C SER C 72 20.88 -0.21 -1.03
N ALA C 73 20.47 -1.09 -1.93
CA ALA C 73 19.50 -2.14 -1.64
C ALA C 73 19.91 -3.42 -2.35
N SER C 74 19.32 -4.52 -1.96
CA SER C 74 19.75 -5.79 -2.50
C SER C 74 18.56 -6.72 -2.65
N LEU C 75 18.50 -7.44 -3.78
CA LEU C 75 17.50 -8.49 -3.98
C LEU C 75 18.22 -9.82 -3.91
N ALA C 76 17.68 -10.75 -3.13
CA ALA C 76 18.28 -12.07 -3.03
C ALA C 76 17.31 -13.16 -3.46
N ILE C 77 17.83 -14.12 -4.20
CA ILE C 77 17.03 -15.23 -4.71
C ILE C 77 17.71 -16.53 -4.29
N THR C 78 17.05 -17.31 -3.45
CA THR C 78 17.58 -18.61 -3.04
C THR C 78 16.91 -19.70 -3.86
N GLY C 79 17.46 -20.91 -3.84
CA GLY C 79 16.86 -22.01 -4.59
C GLY C 79 16.52 -21.59 -6.01
N LEU C 80 17.48 -20.97 -6.70
CA LEU C 80 17.26 -20.48 -8.05
C LEU C 80 16.55 -21.53 -8.92
N GLN C 81 15.50 -21.09 -9.64
CA GLN C 81 14.76 -21.95 -10.55
C GLN C 81 14.87 -21.43 -11.98
N ALA C 82 14.73 -22.34 -12.95
CA ALA C 82 14.74 -21.98 -14.38
C ALA C 82 13.82 -20.82 -14.73
N GLU C 83 12.63 -20.80 -14.16
CA GLU C 83 11.66 -19.77 -14.49
C GLU C 83 12.04 -18.39 -13.93
N ASP C 84 13.11 -18.33 -13.15
CA ASP C 84 13.60 -17.05 -12.60
C ASP C 84 14.41 -16.30 -13.63
N GLU C 85 14.73 -16.93 -14.76
CA GLU C 85 15.48 -16.25 -15.80
C GLU C 85 14.62 -15.10 -16.31
N ALA C 86 15.16 -13.88 -16.23
CA ALA C 86 14.35 -12.69 -16.45
C ALA C 86 15.22 -11.46 -16.21
N ASP C 87 14.66 -10.29 -16.47
CA ASP C 87 15.32 -9.05 -16.11
C ASP C 87 14.71 -8.50 -14.82
N TYR C 88 15.55 -7.92 -13.98
CA TYR C 88 15.12 -7.39 -12.69
C TYR C 88 15.48 -5.92 -12.58
N TYR C 89 14.52 -5.11 -12.15
CA TYR C 89 14.69 -3.68 -12.04
C TYR C 89 14.39 -3.22 -10.63
N CYS C 90 15.25 -2.37 -10.08
CA CYS C 90 14.90 -1.70 -8.84
C CYS C 90 14.33 -0.32 -9.15
N GLN C 91 13.65 0.25 -8.15
CA GLN C 91 12.99 1.53 -8.35
C GLN C 91 12.92 2.27 -7.02
N SER C 92 13.02 3.59 -7.09
CA SER C 92 12.89 4.44 -5.91
C SER C 92 12.53 5.86 -6.30
N TYR C 93 11.80 6.55 -5.45
CA TYR C 93 11.48 7.95 -5.70
C TYR C 93 12.78 8.75 -5.55
N ASP C 94 12.95 9.76 -6.39
CA ASP C 94 14.09 10.65 -6.27
C ASP C 94 13.57 12.07 -6.14
N SER C 95 13.90 12.73 -5.03
CA SER C 95 13.31 14.02 -4.72
C SER C 95 13.82 15.14 -5.62
N SER C 96 15.01 15.00 -6.19
CA SER C 96 15.48 16.04 -7.11
C SER C 96 14.85 15.90 -8.50
N LEU C 97 14.35 14.72 -8.83
CA LEU C 97 13.73 14.51 -10.15
C LEU C 97 12.20 14.51 -10.05
N SER C 98 11.69 14.39 -8.83
CA SER C 98 10.25 14.34 -8.60
C SER C 98 9.59 13.16 -9.29
N GLY C 99 10.33 12.06 -9.43
CA GLY C 99 9.76 10.88 -10.05
C GLY C 99 10.35 9.60 -9.49
N SER C 100 9.66 8.48 -9.68
CA SER C 100 10.11 7.20 -9.19
C SER C 100 10.89 6.47 -10.27
N VAL C 101 12.21 6.66 -10.26
CA VAL C 101 13.07 6.20 -11.34
C VAL C 101 13.59 4.77 -11.15
N PHE C 102 14.05 4.18 -12.25
CA PHE C 102 14.43 2.78 -12.30
C PHE C 102 15.94 2.59 -12.41
N GLY C 103 16.46 1.52 -11.83
CA GLY C 103 17.82 1.10 -12.16
C GLY C 103 17.93 0.65 -13.60
N GLY C 104 19.16 0.40 -14.06
CA GLY C 104 19.38 0.04 -15.45
C GLY C 104 18.99 -1.38 -15.81
N GLY C 105 18.68 -2.19 -14.80
CA GLY C 105 18.22 -3.54 -15.05
C GLY C 105 19.32 -4.56 -14.91
N THR C 106 18.99 -5.72 -14.36
CA THR C 106 19.93 -6.83 -14.32
C THR C 106 19.35 -8.04 -15.04
N LYS C 107 20.13 -8.59 -15.95
CA LYS C 107 19.74 -9.77 -16.71
C LYS C 107 20.19 -10.99 -15.90
N LEU C 108 19.24 -11.79 -15.42
CA LEU C 108 19.62 -13.01 -14.69
C LEU C 108 19.59 -14.23 -15.60
N THR C 109 20.69 -14.97 -15.63
CA THR C 109 20.80 -16.18 -16.45
C THR C 109 20.88 -17.43 -15.58
N VAL C 110 20.05 -18.42 -15.88
CA VAL C 110 20.10 -19.68 -15.16
C VAL C 110 20.98 -20.68 -15.92
N LEU C 111 22.05 -21.12 -15.27
CA LEU C 111 23.09 -21.89 -15.94
C LEU C 111 22.93 -23.38 -15.73
N GLY C 112 23.86 -24.15 -16.26
CA GLY C 112 23.98 -25.54 -15.88
C GLY C 112 23.44 -26.56 -16.86
N GLN C 113 22.69 -26.14 -17.86
CA GLN C 113 22.13 -27.12 -18.79
C GLN C 113 23.21 -27.69 -19.72
N PRO C 114 23.00 -28.92 -20.20
CA PRO C 114 24.05 -29.61 -20.97
C PRO C 114 24.41 -28.88 -22.26
N LYS C 115 25.66 -29.00 -22.69
CA LYS C 115 26.07 -28.43 -23.96
C LYS C 115 25.25 -29.06 -25.09
N ALA C 116 24.92 -28.26 -26.10
CA ALA C 116 24.25 -28.74 -27.31
C ALA C 116 24.85 -28.08 -28.56
N ALA C 117 25.23 -28.90 -29.52
CA ALA C 117 25.81 -28.41 -30.77
C ALA C 117 24.67 -27.93 -31.68
N PRO C 118 24.96 -26.90 -32.50
CA PRO C 118 23.94 -26.30 -33.37
C PRO C 118 23.53 -27.20 -34.52
N SER C 119 22.23 -27.20 -34.84
CA SER C 119 21.77 -27.66 -36.15
C SER C 119 21.87 -26.51 -37.12
N VAL C 120 22.47 -26.77 -38.28
CA VAL C 120 22.59 -25.77 -39.31
C VAL C 120 21.89 -26.24 -40.58
N THR C 121 21.04 -25.39 -41.15
CA THR C 121 20.52 -25.65 -42.46
C THR C 121 20.67 -24.42 -43.35
N LEU C 122 21.07 -24.65 -44.60
CA LEU C 122 21.43 -23.57 -45.51
C LEU C 122 20.63 -23.62 -46.81
N PHE C 123 20.03 -22.51 -47.18
CA PHE C 123 19.24 -22.42 -48.41
C PHE C 123 19.92 -21.53 -49.43
N PRO C 124 19.98 -21.99 -50.69
CA PRO C 124 20.44 -21.18 -51.83
C PRO C 124 19.40 -20.13 -52.17
N PRO C 125 19.73 -19.17 -53.04
CA PRO C 125 18.73 -18.23 -53.53
C PRO C 125 17.64 -18.99 -54.29
N SER C 126 16.38 -18.60 -54.10
CA SER C 126 15.28 -19.18 -54.87
C SER C 126 15.34 -18.63 -56.29
N SER C 127 14.82 -19.39 -57.24
CA SER C 127 14.82 -18.93 -58.63
C SER C 127 13.94 -17.71 -58.79
N GLU C 128 12.89 -17.61 -57.97
CA GLU C 128 12.05 -16.43 -58.02
C GLU C 128 12.80 -15.16 -57.61
N GLU C 129 13.59 -15.23 -56.54
CA GLU C 129 14.37 -14.07 -56.12
C GLU C 129 15.43 -13.70 -57.16
N LEU C 130 15.97 -14.72 -57.84
CA LEU C 130 16.94 -14.46 -58.90
C LEU C 130 16.30 -13.71 -60.07
N GLN C 131 15.07 -14.09 -60.44
CA GLN C 131 14.29 -13.34 -61.44
C GLN C 131 14.12 -11.89 -61.03
N ALA C 132 13.96 -11.64 -59.73
CA ALA C 132 13.84 -10.29 -59.21
C ALA C 132 15.21 -9.63 -59.12
N ASN C 133 16.24 -10.32 -59.61
CA ASN C 133 17.58 -9.75 -59.70
C ASN C 133 18.26 -9.55 -58.33
N LYS C 134 17.96 -10.43 -57.38
CA LYS C 134 18.64 -10.45 -56.08
C LYS C 134 19.04 -11.88 -55.76
N ALA C 135 19.98 -12.04 -54.84
CA ALA C 135 20.32 -13.36 -54.33
C ALA C 135 20.64 -13.32 -52.83
N THR C 136 19.96 -14.16 -52.06
CA THR C 136 20.17 -14.22 -50.63
C THR C 136 20.42 -15.65 -50.22
N LEU C 137 21.57 -15.90 -49.58
CA LEU C 137 21.82 -17.17 -48.93
C LEU C 137 21.35 -17.09 -47.48
N VAL C 138 20.72 -18.15 -47.01
CA VAL C 138 20.05 -18.15 -45.72
C VAL C 138 20.56 -19.27 -44.84
N CYS C 139 21.31 -18.89 -43.81
CA CYS C 139 21.90 -19.87 -42.89
C CYS C 139 21.16 -19.85 -41.57
N LEU C 140 20.50 -20.95 -41.24
CA LEU C 140 19.69 -21.00 -40.03
C LEU C 140 20.35 -21.91 -38.99
N ILE C 141 20.46 -21.42 -37.76
CA ILE C 141 21.23 -22.08 -36.72
C ILE C 141 20.36 -22.25 -35.47
N SER C 142 20.18 -23.49 -35.02
CA SER C 142 19.24 -23.71 -33.92
C SER C 142 19.67 -24.79 -32.93
N ASP C 143 18.96 -24.84 -31.80
CA ASP C 143 19.15 -25.87 -30.78
C ASP C 143 20.54 -25.93 -30.20
N PHE C 144 21.18 -24.79 -30.01
CA PHE C 144 22.51 -24.83 -29.43
C PHE C 144 22.58 -24.21 -28.03
N TYR C 145 23.53 -24.70 -27.24
CA TYR C 145 23.80 -24.14 -25.93
C TYR C 145 25.23 -24.47 -25.55
N PRO C 146 25.97 -23.50 -25.00
CA PRO C 146 25.53 -22.13 -24.73
C PRO C 146 25.34 -21.24 -25.97
N GLY C 147 24.84 -20.03 -25.74
CA GLY C 147 24.29 -19.24 -26.82
C GLY C 147 25.24 -18.29 -27.50
N ALA C 148 26.48 -18.71 -27.72
CA ALA C 148 27.41 -17.92 -28.51
C ALA C 148 27.94 -18.73 -29.70
N VAL C 149 27.75 -18.21 -30.90
CA VAL C 149 28.38 -18.77 -32.08
C VAL C 149 29.02 -17.66 -32.90
N THR C 150 29.98 -18.02 -33.73
CA THR C 150 30.46 -17.11 -34.76
C THR C 150 30.20 -17.73 -36.12
N VAL C 151 29.82 -16.89 -37.08
CA VAL C 151 29.51 -17.38 -38.41
C VAL C 151 30.49 -16.80 -39.43
N ALA C 152 31.05 -17.66 -40.27
CA ALA C 152 31.90 -17.21 -41.37
C ALA C 152 31.38 -17.78 -42.69
N TRP C 153 31.41 -16.97 -43.74
CA TRP C 153 30.97 -17.41 -45.07
C TRP C 153 32.16 -17.57 -46.01
N LYS C 154 32.12 -18.62 -46.83
CA LYS C 154 33.13 -18.83 -47.87
C LYS C 154 32.53 -18.83 -49.27
N ALA C 155 33.14 -18.04 -50.17
CA ALA C 155 32.90 -18.18 -51.60
C ALA C 155 33.93 -19.17 -52.15
N ASP C 156 33.45 -20.36 -52.48
CA ASP C 156 34.34 -21.48 -52.76
C ASP C 156 35.16 -21.82 -51.52
N SER C 157 36.39 -21.32 -51.46
CA SER C 157 37.24 -21.56 -50.31
C SER C 157 37.79 -20.24 -49.74
N SER C 158 37.27 -19.13 -50.24
CA SER C 158 37.75 -17.83 -49.80
C SER C 158 36.72 -17.11 -48.94
N PRO C 159 37.19 -16.39 -47.90
CA PRO C 159 36.32 -15.66 -46.98
C PRO C 159 35.48 -14.60 -47.69
N VAL C 160 34.19 -14.56 -47.37
CA VAL C 160 33.31 -13.51 -47.86
C VAL C 160 33.12 -12.48 -46.76
N LYS C 161 33.61 -11.27 -46.99
CA LYS C 161 33.52 -10.24 -45.97
C LYS C 161 32.18 -9.50 -46.04
N ALA C 162 31.87 -8.91 -47.19
CA ALA C 162 30.74 -8.01 -47.33
C ALA C 162 29.41 -8.72 -47.58
N GLY C 163 28.32 -8.03 -47.29
CA GLY C 163 27.00 -8.57 -47.58
C GLY C 163 26.47 -9.53 -46.52
N VAL C 164 27.15 -9.61 -45.39
CA VAL C 164 26.76 -10.52 -44.32
C VAL C 164 26.02 -9.79 -43.22
N GLU C 165 24.87 -10.31 -42.81
CA GLU C 165 24.18 -9.83 -41.62
C GLU C 165 23.66 -10.97 -40.77
N THR C 166 24.10 -11.00 -39.51
CA THR C 166 23.81 -12.10 -38.59
C THR C 166 23.06 -11.57 -37.37
N THR C 167 22.03 -12.29 -36.93
CA THR C 167 21.29 -11.90 -35.73
C THR C 167 22.10 -12.29 -34.48
N THR C 168 21.72 -11.75 -33.33
CA THR C 168 22.31 -12.19 -32.07
C THR C 168 21.52 -13.39 -31.57
N PRO C 169 22.20 -14.37 -30.96
CA PRO C 169 21.52 -15.59 -30.49
C PRO C 169 20.37 -15.28 -29.56
N SER C 170 19.29 -16.04 -29.68
CA SER C 170 18.10 -15.79 -28.89
C SER C 170 17.49 -17.11 -28.44
N LYS C 171 16.93 -17.14 -27.23
CA LYS C 171 16.39 -18.37 -26.65
C LYS C 171 15.12 -18.81 -27.36
N GLN C 172 15.07 -20.09 -27.69
CA GLN C 172 13.86 -20.71 -28.24
C GLN C 172 12.96 -21.13 -27.08
N SER C 173 11.76 -21.57 -27.41
CA SER C 173 10.83 -22.02 -26.38
C SER C 173 11.29 -23.32 -25.72
N ASN C 174 12.25 -24.00 -26.33
CA ASN C 174 12.80 -25.21 -25.72
C ASN C 174 14.07 -24.91 -24.92
N ASN C 175 14.34 -23.62 -24.74
CA ASN C 175 15.40 -23.16 -23.85
C ASN C 175 16.81 -23.30 -24.42
N LYS C 176 16.91 -23.63 -25.70
CA LYS C 176 18.19 -23.55 -26.39
C LYS C 176 18.17 -22.34 -27.32
N TYR C 177 19.29 -22.07 -27.98
CA TYR C 177 19.45 -20.83 -28.72
C TYR C 177 19.28 -20.97 -30.23
N ALA C 178 18.87 -19.88 -30.87
CA ALA C 178 18.76 -19.82 -32.32
C ALA C 178 19.32 -18.52 -32.86
N ALA C 179 19.93 -18.60 -34.04
CA ALA C 179 20.41 -17.42 -34.72
C ALA C 179 20.28 -17.66 -36.22
N SER C 180 20.34 -16.59 -37.00
CA SER C 180 20.38 -16.74 -38.44
C SER C 180 21.37 -15.79 -39.08
N SER C 181 21.85 -16.15 -40.26
CA SER C 181 22.80 -15.33 -41.00
C SER C 181 22.44 -15.25 -42.48
N TYR C 182 22.47 -14.04 -43.02
CA TYR C 182 22.09 -13.79 -44.41
C TYR C 182 23.25 -13.25 -45.22
N LEU C 183 23.55 -13.90 -46.34
CA LEU C 183 24.55 -13.38 -47.26
C LEU C 183 23.90 -12.86 -48.54
N SER C 184 24.02 -11.57 -48.78
CA SER C 184 23.48 -10.96 -49.99
C SER C 184 24.51 -10.95 -51.12
N LEU C 185 24.09 -11.45 -52.28
CA LEU C 185 24.93 -11.48 -53.47
C LEU C 185 24.16 -10.91 -54.64
N THR C 186 24.87 -10.47 -55.68
CA THR C 186 24.22 -10.26 -56.97
C THR C 186 24.06 -11.63 -57.61
N PRO C 187 23.05 -11.79 -58.48
CA PRO C 187 22.86 -13.08 -59.16
C PRO C 187 24.13 -13.50 -59.91
N GLU C 188 24.86 -12.51 -60.43
CA GLU C 188 26.08 -12.80 -61.17
C GLU C 188 27.16 -13.40 -60.28
N GLN C 189 27.32 -12.85 -59.08
CA GLN C 189 28.25 -13.42 -58.10
C GLN C 189 27.85 -14.84 -57.75
N TRP C 190 26.56 -15.04 -57.49
CA TRP C 190 26.07 -16.35 -57.12
C TRP C 190 26.40 -17.40 -58.18
N LYS C 191 26.24 -17.04 -59.45
CA LYS C 191 26.42 -18.00 -60.53
C LYS C 191 27.88 -18.19 -60.93
N SER C 192 28.74 -17.25 -60.54
CA SER C 192 30.14 -17.26 -60.97
C SER C 192 31.08 -18.08 -60.07
N HIS C 193 30.56 -18.62 -58.98
CA HIS C 193 31.37 -19.47 -58.10
C HIS C 193 30.88 -20.90 -58.10
N ARG C 194 31.75 -21.83 -57.72
CA ARG C 194 31.39 -23.23 -57.70
C ARG C 194 30.46 -23.54 -56.53
N SER C 195 30.66 -22.84 -55.42
CA SER C 195 29.84 -23.07 -54.24
C SER C 195 30.01 -21.97 -53.20
N TYR C 196 29.08 -21.93 -52.26
CA TYR C 196 29.18 -21.04 -51.12
C TYR C 196 28.99 -21.87 -49.86
N SER C 197 29.61 -21.44 -48.76
CA SER C 197 29.55 -22.20 -47.53
C SER C 197 29.22 -21.33 -46.33
N CYS C 198 28.39 -21.87 -45.45
CA CYS C 198 28.13 -21.25 -44.16
C CYS C 198 28.89 -22.07 -43.11
N GLN C 199 29.79 -21.42 -42.38
CA GLN C 199 30.56 -22.09 -41.33
C GLN C 199 30.18 -21.57 -39.95
N VAL C 200 29.67 -22.46 -39.10
CA VAL C 200 29.24 -22.05 -37.78
C VAL C 200 30.14 -22.66 -36.73
N THR C 201 30.79 -21.80 -35.95
CA THR C 201 31.68 -22.27 -34.89
C THR C 201 31.04 -22.07 -33.53
N HIS C 202 31.05 -23.14 -32.75
CA HIS C 202 30.40 -23.16 -31.44
C HIS C 202 31.28 -23.93 -30.48
N GLU C 203 31.78 -23.25 -29.46
CA GLU C 203 32.67 -23.86 -28.48
C GLU C 203 33.83 -24.56 -29.19
N GLY C 204 34.46 -23.87 -30.12
CA GLY C 204 35.64 -24.40 -30.76
C GLY C 204 35.41 -25.57 -31.72
N SER C 205 34.16 -25.90 -31.98
CA SER C 205 33.85 -26.87 -33.04
C SER C 205 33.08 -26.20 -34.17
N THR C 206 33.50 -26.48 -35.41
CA THR C 206 32.90 -25.86 -36.58
C THR C 206 31.96 -26.81 -37.33
N VAL C 207 30.76 -26.35 -37.61
CA VAL C 207 29.82 -27.07 -38.48
C VAL C 207 29.67 -26.29 -39.78
N GLU C 208 29.70 -27.02 -40.90
CA GLU C 208 29.71 -26.37 -42.21
C GLU C 208 28.60 -26.88 -43.14
N LYS C 209 27.96 -25.96 -43.85
CA LYS C 209 27.04 -26.33 -44.92
C LYS C 209 27.40 -25.59 -46.20
N THR C 210 27.19 -26.26 -47.34
CA THR C 210 27.57 -25.72 -48.64
C THR C 210 26.42 -25.84 -49.64
N VAL C 211 26.26 -24.81 -50.47
CA VAL C 211 25.33 -24.90 -51.59
C VAL C 211 25.99 -24.44 -52.90
N ALA C 212 25.52 -25.00 -54.01
CA ALA C 212 26.08 -24.68 -55.32
C ALA C 212 24.98 -24.20 -56.26
N PRO C 213 25.32 -23.23 -57.13
CA PRO C 213 24.35 -22.70 -58.10
C PRO C 213 23.81 -23.79 -59.02
N THR C 214 24.62 -24.83 -59.19
CA THR C 214 24.19 -26.01 -59.94
C THR C 214 22.99 -26.66 -59.25
N GLU D 1 -11.39 -8.62 -12.61
CA GLU D 1 -10.09 -8.37 -11.94
C GLU D 1 -9.55 -6.99 -12.26
N VAL D 2 -8.50 -6.58 -11.53
CA VAL D 2 -7.85 -5.31 -11.77
C VAL D 2 -7.13 -5.34 -13.12
N GLN D 3 -7.33 -4.31 -13.93
CA GLN D 3 -6.84 -4.35 -15.30
C GLN D 3 -6.52 -2.98 -15.89
N LEU D 4 -5.45 -2.91 -16.68
CA LEU D 4 -5.10 -1.71 -17.41
C LEU D 4 -4.77 -2.07 -18.86
N VAL D 5 -5.38 -1.33 -19.79
CA VAL D 5 -5.18 -1.60 -21.22
C VAL D 5 -4.83 -0.32 -21.97
N GLU D 6 -3.58 -0.18 -22.38
CA GLU D 6 -3.19 1.01 -23.10
C GLU D 6 -3.38 0.84 -24.60
N SER D 7 -3.61 1.94 -25.31
CA SER D 7 -3.80 1.89 -26.74
C SER D 7 -3.37 3.19 -27.41
N GLY D 8 -3.35 3.19 -28.73
CA GLY D 8 -3.04 4.40 -29.47
C GLY D 8 -1.67 4.36 -30.10
N GLY D 9 -0.91 3.32 -29.83
CA GLY D 9 0.43 3.23 -30.39
C GLY D 9 0.41 3.18 -31.91
N GLY D 10 1.55 3.44 -32.53
CA GLY D 10 1.61 3.38 -33.98
C GLY D 10 2.94 3.82 -34.53
N LEU D 11 3.02 3.93 -35.85
CA LEU D 11 4.21 4.45 -36.52
C LEU D 11 3.96 5.92 -36.83
N VAL D 12 4.95 6.76 -36.56
CA VAL D 12 4.84 8.18 -36.84
C VAL D 12 6.20 8.68 -37.29
N LYS D 13 6.22 9.81 -37.99
CA LYS D 13 7.48 10.40 -38.43
C LYS D 13 8.01 11.40 -37.40
N PRO D 14 9.33 11.63 -37.41
CA PRO D 14 9.92 12.61 -36.50
C PRO D 14 9.19 13.95 -36.59
N GLY D 15 8.95 14.58 -35.44
CA GLY D 15 8.26 15.85 -35.42
C GLY D 15 6.77 15.69 -35.30
N GLY D 16 6.29 14.45 -35.43
CA GLY D 16 4.85 14.20 -35.39
C GLY D 16 4.29 14.02 -33.98
N SER D 17 3.02 13.63 -33.91
CA SER D 17 2.29 13.55 -32.65
C SER D 17 1.48 12.26 -32.53
N LEU D 18 1.31 11.79 -31.29
CA LEU D 18 0.49 10.62 -30.99
C LEU D 18 -0.22 10.85 -29.66
N ARG D 19 -1.38 10.24 -29.49
CA ARG D 19 -2.09 10.31 -28.22
C ARG D 19 -2.36 8.91 -27.68
N LEU D 20 -1.71 8.55 -26.58
CA LEU D 20 -1.93 7.24 -25.98
C LEU D 20 -3.06 7.33 -24.96
N SER D 21 -3.79 6.24 -24.84
CA SER D 21 -4.82 6.13 -23.83
C SER D 21 -4.56 4.88 -23.01
N CYS D 22 -5.11 4.85 -21.80
CA CYS D 22 -5.00 3.72 -20.91
C CYS D 22 -6.35 3.63 -20.20
N ALA D 23 -7.03 2.51 -20.39
CA ALA D 23 -8.33 2.31 -19.76
C ALA D 23 -8.19 1.41 -18.55
N ALA D 24 -8.73 1.86 -17.42
CA ALA D 24 -8.66 1.08 -16.19
C ALA D 24 -10.00 0.43 -15.89
N SER D 25 -9.95 -0.73 -15.25
CA SER D 25 -11.16 -1.39 -14.81
C SER D 25 -10.87 -2.30 -13.64
N GLY D 26 -11.88 -2.59 -12.84
CA GLY D 26 -11.73 -3.55 -11.78
C GLY D 26 -11.25 -2.96 -10.48
N PHE D 27 -11.06 -1.64 -10.43
CA PHE D 27 -10.62 -1.00 -9.20
C PHE D 27 -11.02 0.47 -9.11
N THR D 28 -10.83 1.06 -7.93
CA THR D 28 -11.25 2.43 -7.67
C THR D 28 -10.23 3.42 -8.26
N PHE D 29 -10.36 3.68 -9.55
CA PHE D 29 -9.41 4.49 -10.31
C PHE D 29 -9.14 5.85 -9.67
N SER D 30 -10.17 6.44 -9.07
CA SER D 30 -10.06 7.82 -8.62
C SER D 30 -9.24 8.00 -7.35
N SER D 31 -8.82 6.89 -6.74
CA SER D 31 -7.93 6.95 -5.59
C SER D 31 -6.51 6.52 -5.92
N TYR D 32 -6.23 6.28 -7.18
CA TYR D 32 -4.90 5.86 -7.59
C TYR D 32 -4.21 6.91 -8.46
N SER D 33 -2.93 7.13 -8.20
CA SER D 33 -2.07 7.85 -9.13
C SER D 33 -1.76 6.94 -10.30
N MET D 34 -1.41 7.54 -11.44
CA MET D 34 -1.09 6.78 -12.65
C MET D 34 0.26 7.22 -13.23
N ASN D 35 0.88 6.33 -13.99
CA ASN D 35 2.23 6.57 -14.48
C ASN D 35 2.42 6.00 -15.88
N TRP D 36 3.27 6.66 -16.67
CA TRP D 36 3.73 6.10 -17.92
C TRP D 36 5.20 5.71 -17.74
N VAL D 37 5.53 4.49 -18.15
CA VAL D 37 6.88 3.99 -18.17
C VAL D 37 7.13 3.41 -19.57
N ARG D 38 8.28 3.70 -20.16
CA ARG D 38 8.56 3.23 -21.49
C ARG D 38 9.82 2.38 -21.55
N GLN D 39 9.94 1.58 -22.62
CA GLN D 39 11.07 0.68 -22.77
C GLN D 39 11.42 0.54 -24.24
N ALA D 40 12.57 1.09 -24.63
CA ALA D 40 13.06 0.95 -25.99
C ALA D 40 13.46 -0.52 -26.18
N PRO D 41 13.27 -1.05 -27.40
CA PRO D 41 13.50 -2.49 -27.62
C PRO D 41 14.89 -2.93 -27.17
N GLY D 42 14.93 -3.97 -26.34
CA GLY D 42 16.20 -4.44 -25.80
C GLY D 42 16.82 -3.55 -24.73
N LYS D 43 16.06 -2.60 -24.20
CA LYS D 43 16.60 -1.66 -23.21
C LYS D 43 15.88 -1.71 -21.86
N GLY D 44 16.26 -0.80 -20.96
CA GLY D 44 15.70 -0.79 -19.62
C GLY D 44 14.44 0.03 -19.49
N LEU D 45 13.74 -0.14 -18.37
CA LEU D 45 12.57 0.66 -18.08
C LEU D 45 12.95 2.12 -17.85
N GLU D 46 12.16 3.03 -18.36
CA GLU D 46 12.39 4.47 -18.15
C GLU D 46 11.08 5.15 -17.74
N TRP D 47 11.06 5.73 -16.55
CA TRP D 47 9.90 6.50 -16.10
C TRP D 47 9.72 7.71 -17.00
N VAL D 48 8.48 7.95 -17.42
CA VAL D 48 8.15 9.04 -18.32
C VAL D 48 7.40 10.18 -17.64
N SER D 49 6.35 9.84 -16.89
CA SER D 49 5.49 10.86 -16.32
C SER D 49 4.54 10.25 -15.29
N SER D 50 4.10 11.07 -14.33
CA SER D 50 3.20 10.62 -13.26
C SER D 50 2.10 11.64 -13.04
N ILE D 51 0.90 11.18 -12.70
CA ILE D 51 -0.17 12.09 -12.36
C ILE D 51 -1.01 11.53 -11.20
N SER D 52 -1.23 12.37 -10.19
CA SER D 52 -1.88 11.90 -8.96
C SER D 52 -3.38 11.78 -9.18
N SER D 53 -4.08 11.20 -8.21
CA SER D 53 -5.49 10.90 -8.38
C SER D 53 -6.35 12.13 -8.71
N SER D 54 -6.03 13.28 -8.12
CA SER D 54 -6.77 14.50 -8.39
C SER D 54 -6.00 15.45 -9.32
N SER D 55 -4.91 14.95 -9.90
CA SER D 55 -4.09 15.72 -10.84
C SER D 55 -3.32 16.88 -10.19
N SER D 56 -3.20 16.87 -8.87
CA SER D 56 -2.51 17.97 -8.18
C SER D 56 -1.02 17.71 -8.04
N TYR D 57 -0.58 16.49 -8.31
CA TYR D 57 0.84 16.23 -8.59
C TYR D 57 1.01 15.74 -10.03
N ILE D 58 1.86 16.44 -10.78
CA ILE D 58 2.19 16.07 -12.14
C ILE D 58 3.69 16.28 -12.33
N SER D 59 4.37 15.30 -12.92
CA SER D 59 5.79 15.46 -13.21
C SER D 59 6.25 14.68 -14.45
N TYR D 60 7.42 15.07 -14.97
CA TYR D 60 7.91 14.55 -16.23
C TYR D 60 9.39 14.26 -16.12
N ALA D 61 9.84 13.20 -16.80
CA ALA D 61 11.25 12.97 -17.01
C ALA D 61 11.80 14.15 -17.81
N ASP D 62 13.05 14.52 -17.57
CA ASP D 62 13.68 15.59 -18.33
C ASP D 62 13.58 15.38 -19.83
N SER D 63 13.73 14.14 -20.27
CA SER D 63 13.84 13.82 -21.69
C SER D 63 12.55 14.07 -22.48
N VAL D 64 11.43 14.24 -21.78
CA VAL D 64 10.17 14.46 -22.47
C VAL D 64 9.56 15.79 -22.05
N LYS D 65 10.25 16.52 -21.19
CA LYS D 65 9.71 17.77 -20.65
C LYS D 65 9.43 18.76 -21.79
N GLY D 66 8.22 19.31 -21.81
CA GLY D 66 7.88 20.27 -22.84
C GLY D 66 7.30 19.67 -24.11
N ARG D 67 7.43 18.36 -24.28
CA ARG D 67 6.91 17.70 -25.47
C ARG D 67 5.72 16.81 -25.15
N PHE D 68 5.77 16.13 -24.00
CA PHE D 68 4.68 15.23 -23.59
C PHE D 68 3.79 15.91 -22.55
N THR D 69 2.50 15.63 -22.61
CA THR D 69 1.56 16.13 -21.61
C THR D 69 0.69 14.99 -21.10
N ILE D 70 0.71 14.77 -19.79
CA ILE D 70 -0.08 13.71 -19.19
C ILE D 70 -1.39 14.30 -18.70
N SER D 71 -2.45 13.50 -18.68
CA SER D 71 -3.71 13.93 -18.09
C SER D 71 -4.56 12.70 -17.87
N ARG D 72 -5.67 12.88 -17.16
CA ARG D 72 -6.51 11.76 -16.79
C ARG D 72 -7.94 12.23 -16.73
N ASP D 73 -8.87 11.29 -16.83
CA ASP D 73 -10.29 11.60 -16.75
C ASP D 73 -10.94 10.54 -15.87
N ASN D 74 -11.14 10.87 -14.60
CA ASN D 74 -11.60 9.88 -13.64
C ASN D 74 -13.00 9.37 -13.95
N ALA D 75 -13.84 10.23 -14.51
CA ALA D 75 -15.20 9.84 -14.88
C ALA D 75 -15.16 8.76 -15.96
N LYS D 76 -14.14 8.80 -16.80
CA LYS D 76 -13.98 7.81 -17.87
C LYS D 76 -12.97 6.72 -17.53
N ASN D 77 -12.48 6.70 -16.29
CA ASN D 77 -11.45 5.74 -15.87
C ASN D 77 -10.32 5.68 -16.91
N SER D 78 -9.81 6.83 -17.31
CA SER D 78 -8.81 6.87 -18.36
C SER D 78 -7.61 7.77 -18.08
N LEU D 79 -6.46 7.32 -18.57
CA LEU D 79 -5.20 8.04 -18.47
C LEU D 79 -4.72 8.35 -19.90
N TYR D 80 -4.18 9.55 -20.11
CA TYR D 80 -3.74 9.95 -21.44
C TYR D 80 -2.29 10.41 -21.45
N LEU D 81 -1.63 10.21 -22.59
CA LEU D 81 -0.34 10.82 -22.82
C LEU D 81 -0.34 11.43 -24.22
N GLN D 82 -0.33 12.77 -24.28
CA GLN D 82 -0.21 13.48 -25.53
C GLN D 82 1.27 13.69 -25.84
N MET D 83 1.74 13.09 -26.93
CA MET D 83 3.15 13.17 -27.32
C MET D 83 3.32 14.05 -28.56
N ASN D 84 4.05 15.15 -28.41
CA ASN D 84 4.31 16.05 -29.52
C ASN D 84 5.79 16.08 -29.83
N SER D 85 6.12 16.57 -31.02
CA SER D 85 7.51 16.74 -31.42
C SER D 85 8.29 15.46 -31.17
N LEU D 86 7.72 14.33 -31.58
CA LEU D 86 8.35 13.02 -31.38
C LEU D 86 9.69 12.90 -32.07
N ARG D 87 10.60 12.15 -31.46
CA ARG D 87 11.90 11.88 -32.03
C ARG D 87 12.12 10.38 -32.11
N ALA D 88 13.14 9.99 -32.88
CA ALA D 88 13.46 8.57 -33.04
C ALA D 88 13.67 7.90 -31.68
N GLU D 89 14.33 8.62 -30.78
CA GLU D 89 14.64 8.12 -29.43
C GLU D 89 13.39 7.89 -28.57
N ASP D 90 12.24 8.38 -29.02
CA ASP D 90 11.01 8.11 -28.29
C ASP D 90 10.40 6.77 -28.67
N THR D 91 11.07 6.05 -29.57
CA THR D 91 10.60 4.73 -30.01
C THR D 91 10.68 3.77 -28.83
N ALA D 92 9.57 3.14 -28.49
CA ALA D 92 9.56 2.29 -27.31
C ALA D 92 8.19 1.69 -27.10
N VAL D 93 8.12 0.66 -26.25
CA VAL D 93 6.84 0.24 -25.70
C VAL D 93 6.50 1.14 -24.52
N TYR D 94 5.26 1.62 -24.48
CA TYR D 94 4.79 2.47 -23.39
C TYR D 94 3.80 1.70 -22.52
N PHE D 95 4.13 1.58 -21.24
CA PHE D 95 3.26 0.95 -20.25
C PHE D 95 2.61 2.03 -19.39
N CYS D 96 1.35 1.82 -18.97
CA CYS D 96 0.82 2.52 -17.81
C CYS D 96 0.85 1.64 -16.57
N ALA D 97 0.96 2.27 -15.40
CA ALA D 97 0.99 1.54 -14.14
C ALA D 97 0.42 2.42 -13.05
N ARG D 98 -0.24 1.80 -12.09
CA ARG D 98 -0.90 2.54 -11.03
C ARG D 98 -0.05 2.51 -9.77
N ASP D 99 -0.24 3.49 -8.90
CA ASP D 99 0.22 3.41 -7.52
C ASP D 99 -0.75 4.19 -6.65
N TYR D 100 -1.12 3.61 -5.51
CA TYR D 100 -2.11 4.25 -4.67
C TYR D 100 -1.65 5.63 -4.25
N ASP D 101 -2.55 6.60 -4.24
CA ASP D 101 -2.18 7.97 -3.95
C ASP D 101 -2.18 8.21 -2.44
N PHE D 102 -0.99 8.27 -1.85
CA PHE D 102 -0.84 8.58 -0.43
C PHE D 102 -0.55 10.08 -0.22
N TRP D 103 -0.74 10.87 -1.27
CA TRP D 103 -0.62 12.32 -1.19
C TRP D 103 0.78 12.76 -0.73
N SER D 104 1.79 12.06 -1.24
CA SER D 104 3.21 12.31 -0.95
C SER D 104 3.63 11.85 0.44
N ALA D 105 2.70 11.25 1.20
CA ALA D 105 3.07 10.71 2.51
C ALA D 105 3.98 9.49 2.36
N TYR D 106 3.80 8.77 1.25
CA TYR D 106 4.57 7.56 0.99
C TYR D 106 4.55 7.33 -0.52
N TYR D 107 5.66 6.85 -1.06
CA TYR D 107 5.69 6.52 -2.48
C TYR D 107 5.71 5.01 -2.69
N ASP D 108 4.56 4.48 -3.08
CA ASP D 108 4.35 3.04 -3.11
C ASP D 108 4.87 2.48 -4.43
N ALA D 109 4.89 1.16 -4.56
CA ALA D 109 5.32 0.51 -5.79
C ALA D 109 4.25 0.68 -6.85
N PHE D 110 4.65 0.54 -8.12
CA PHE D 110 3.70 0.44 -9.22
C PHE D 110 3.22 -1.01 -9.20
N ASP D 111 2.06 -1.27 -8.60
CA ASP D 111 1.71 -2.65 -8.29
C ASP D 111 0.92 -3.38 -9.37
N VAL D 112 0.36 -2.63 -10.31
CA VAL D 112 -0.31 -3.21 -11.47
C VAL D 112 0.09 -2.46 -12.73
N TRP D 113 0.46 -3.21 -13.76
CA TRP D 113 0.88 -2.64 -15.05
C TRP D 113 -0.05 -3.10 -16.17
N GLY D 114 -0.11 -2.32 -17.24
CA GLY D 114 -0.76 -2.79 -18.45
C GLY D 114 0.19 -3.62 -19.30
N GLN D 115 -0.22 -4.01 -20.49
CA GLN D 115 0.64 -4.84 -21.34
C GLN D 115 1.46 -4.01 -22.32
N GLY D 116 1.14 -2.73 -22.42
CA GLY D 116 1.97 -1.85 -23.22
C GLY D 116 1.45 -1.69 -24.63
N THR D 117 1.79 -0.57 -25.25
CA THR D 117 1.44 -0.32 -26.63
C THR D 117 2.70 0.20 -27.29
N MET D 118 2.94 -0.23 -28.53
CA MET D 118 4.21 0.06 -29.20
C MET D 118 4.14 1.37 -29.98
N VAL D 119 5.23 2.13 -29.93
CA VAL D 119 5.31 3.42 -30.60
C VAL D 119 6.63 3.44 -31.34
N THR D 120 6.57 3.63 -32.66
CA THR D 120 7.78 3.72 -33.46
C THR D 120 7.86 5.10 -34.10
N VAL D 121 9.00 5.75 -33.97
CA VAL D 121 9.21 7.03 -34.60
C VAL D 121 10.34 6.91 -35.61
N SER D 122 9.98 6.97 -36.89
CA SER D 122 10.95 6.75 -37.96
C SER D 122 10.65 7.62 -39.17
N SER D 123 11.70 8.07 -39.85
CA SER D 123 11.52 8.82 -41.08
C SER D 123 11.06 7.90 -42.22
N ALA D 124 11.12 6.59 -41.99
CA ALA D 124 10.74 5.60 -42.99
C ALA D 124 9.26 5.22 -42.92
N SER D 125 8.62 5.10 -44.08
CA SER D 125 7.23 4.68 -44.16
C SER D 125 7.15 3.16 -44.03
N THR D 126 5.95 2.65 -43.71
CA THR D 126 5.79 1.22 -43.62
C THR D 126 5.90 0.56 -45.00
N LYS D 127 6.48 -0.64 -45.04
CA LYS D 127 6.69 -1.37 -46.28
C LYS D 127 6.41 -2.86 -46.06
N GLY D 128 5.51 -3.42 -46.85
CA GLY D 128 5.22 -4.85 -46.75
C GLY D 128 6.38 -5.68 -47.26
N PRO D 129 6.42 -6.96 -46.90
CA PRO D 129 7.53 -7.87 -47.24
C PRO D 129 7.42 -8.46 -48.65
N SER D 130 8.56 -8.75 -49.25
CA SER D 130 8.60 -9.69 -50.38
C SER D 130 8.80 -11.09 -49.84
N VAL D 131 8.00 -12.04 -50.33
CA VAL D 131 8.07 -13.41 -49.84
C VAL D 131 8.58 -14.37 -50.91
N PHE D 132 9.64 -15.12 -50.59
CA PHE D 132 10.19 -16.11 -51.49
C PHE D 132 10.17 -17.51 -50.87
N PRO D 133 9.92 -18.54 -51.69
CA PRO D 133 9.91 -19.93 -51.23
C PRO D 133 11.34 -20.41 -50.98
N LEU D 134 11.55 -21.15 -49.89
CA LEU D 134 12.81 -21.84 -49.67
C LEU D 134 12.57 -23.33 -49.87
N ALA D 135 12.83 -23.79 -51.09
CA ALA D 135 12.40 -25.12 -51.52
C ALA D 135 13.19 -26.22 -50.83
N PRO D 136 12.51 -27.32 -50.48
CA PRO D 136 13.17 -28.50 -49.90
C PRO D 136 14.17 -29.10 -50.86
N SER D 137 15.28 -29.57 -50.31
CA SER D 137 16.39 -30.13 -51.09
C SER D 137 15.99 -31.44 -51.78
N SER D 138 16.73 -31.78 -52.84
CA SER D 138 16.41 -32.95 -53.66
C SER D 138 16.94 -34.26 -53.08
N LYS D 139 16.41 -34.67 -51.94
CA LYS D 139 16.74 -35.97 -51.36
C LYS D 139 15.49 -36.70 -50.85
N GLY D 143 15.01 -42.02 -46.63
CA GLY D 143 14.00 -40.97 -46.58
C GLY D 143 13.55 -40.61 -45.17
N GLY D 144 14.13 -39.55 -44.61
CA GLY D 144 13.74 -39.11 -43.28
C GLY D 144 12.94 -37.82 -43.35
N THR D 145 13.51 -36.73 -42.84
CA THR D 145 12.83 -35.44 -42.87
C THR D 145 13.47 -34.50 -43.88
N ALA D 146 12.70 -33.52 -44.36
CA ALA D 146 13.26 -32.45 -45.16
C ALA D 146 12.85 -31.11 -44.58
N ALA D 147 13.67 -30.10 -44.82
CA ALA D 147 13.38 -28.75 -44.35
C ALA D 147 12.97 -27.87 -45.52
N LEU D 148 11.89 -27.13 -45.35
CA LEU D 148 11.48 -26.15 -46.34
C LEU D 148 10.95 -24.94 -45.59
N GLY D 149 10.92 -23.80 -46.26
CA GLY D 149 10.44 -22.62 -45.58
C GLY D 149 10.13 -21.48 -46.52
N CYS D 150 10.01 -20.28 -45.96
CA CYS D 150 9.86 -19.13 -46.81
C CYS D 150 10.59 -17.93 -46.24
N LEU D 151 11.13 -17.12 -47.15
CA LEU D 151 11.99 -15.99 -46.79
C LEU D 151 11.18 -14.71 -46.89
N VAL D 152 11.13 -13.95 -45.80
CA VAL D 152 10.28 -12.77 -45.72
C VAL D 152 11.18 -11.53 -45.68
N LYS D 153 11.28 -10.84 -46.81
CA LYS D 153 12.32 -9.84 -47.05
C LYS D 153 11.85 -8.38 -46.99
N ASP D 154 12.69 -7.52 -46.41
CA ASP D 154 12.56 -6.07 -46.56
C ASP D 154 11.23 -5.47 -46.08
N TYR D 155 10.85 -5.72 -44.85
CA TYR D 155 9.63 -5.08 -44.34
C TYR D 155 9.94 -4.10 -43.21
N PHE D 156 8.95 -3.29 -42.85
CA PHE D 156 9.09 -2.32 -41.78
C PHE D 156 7.72 -1.76 -41.41
N PRO D 157 7.47 -1.56 -40.10
CA PRO D 157 8.30 -2.02 -38.99
C PRO D 157 7.94 -3.46 -38.58
N GLU D 158 8.51 -3.92 -37.48
CA GLU D 158 8.06 -5.19 -36.89
C GLU D 158 6.65 -5.03 -36.35
N PRO D 159 5.92 -6.14 -36.16
CA PRO D 159 6.27 -7.55 -36.42
C PRO D 159 5.63 -8.09 -37.71
N VAL D 160 6.10 -9.22 -38.19
CA VAL D 160 5.28 -10.06 -39.07
C VAL D 160 5.01 -11.38 -38.36
N THR D 161 3.85 -11.98 -38.65
CA THR D 161 3.58 -13.32 -38.17
C THR D 161 3.59 -14.28 -39.34
N VAL D 162 4.01 -15.52 -39.09
CA VAL D 162 4.00 -16.55 -40.11
C VAL D 162 3.28 -17.79 -39.61
N SER D 163 2.35 -18.31 -40.40
CA SER D 163 1.72 -19.58 -40.08
C SER D 163 1.87 -20.48 -41.31
N TRP D 164 1.59 -21.77 -41.14
CA TRP D 164 1.70 -22.69 -42.25
C TRP D 164 0.39 -23.45 -42.47
N ASN D 165 -0.02 -23.57 -43.73
CA ASN D 165 -1.30 -24.16 -44.08
C ASN D 165 -2.39 -23.64 -43.15
N SER D 166 -2.38 -22.33 -42.91
CA SER D 166 -3.44 -21.66 -42.18
C SER D 166 -3.57 -22.15 -40.74
N GLY D 167 -2.45 -22.54 -40.14
CA GLY D 167 -2.46 -22.93 -38.75
C GLY D 167 -2.64 -24.42 -38.54
N ALA D 168 -2.96 -25.13 -39.62
CA ALA D 168 -3.14 -26.57 -39.54
C ALA D 168 -1.81 -27.29 -39.32
N LEU D 169 -0.72 -26.63 -39.68
CA LEU D 169 0.61 -27.21 -39.51
C LEU D 169 1.41 -26.38 -38.51
N THR D 170 1.68 -26.98 -37.36
CA THR D 170 2.33 -26.28 -36.26
C THR D 170 3.56 -27.05 -35.78
N SER D 171 3.49 -28.37 -35.89
CA SER D 171 4.60 -29.21 -35.49
C SER D 171 5.76 -29.09 -36.48
N GLY D 172 6.95 -28.85 -35.96
CA GLY D 172 8.13 -28.75 -36.80
C GLY D 172 8.36 -27.36 -37.35
N VAL D 173 7.49 -26.41 -36.99
CA VAL D 173 7.61 -25.05 -37.46
C VAL D 173 8.55 -24.23 -36.58
N HIS D 174 9.53 -23.59 -37.20
CA HIS D 174 10.39 -22.67 -36.49
C HIS D 174 10.53 -21.37 -37.26
N THR D 175 9.93 -20.31 -36.72
CA THR D 175 10.08 -18.99 -37.31
C THR D 175 11.15 -18.21 -36.56
N PHE D 176 12.19 -17.81 -37.28
CA PHE D 176 13.35 -17.21 -36.64
C PHE D 176 13.16 -15.73 -36.40
N PRO D 177 13.80 -15.19 -35.36
CA PRO D 177 13.77 -13.75 -35.12
C PRO D 177 14.38 -13.00 -36.29
N ALA D 178 13.80 -11.85 -36.63
CA ALA D 178 14.22 -11.08 -37.78
C ALA D 178 15.62 -10.49 -37.60
N VAL D 179 16.31 -10.29 -38.72
CA VAL D 179 17.53 -9.52 -38.72
C VAL D 179 17.17 -8.08 -39.09
N LEU D 180 17.86 -7.12 -38.50
CA LEU D 180 17.67 -5.72 -38.88
C LEU D 180 18.77 -5.32 -39.84
N GLN D 181 18.40 -4.89 -41.04
CA GLN D 181 19.40 -4.60 -42.05
C GLN D 181 19.94 -3.17 -41.92
N SER D 182 21.16 -2.97 -42.40
CA SER D 182 21.72 -1.62 -42.53
C SER D 182 20.73 -0.65 -43.15
N SER D 183 19.92 -1.13 -44.07
CA SER D 183 18.93 -0.28 -44.74
C SER D 183 17.85 0.19 -43.78
N GLY D 184 17.78 -0.43 -42.60
CA GLY D 184 16.71 -0.13 -41.67
C GLY D 184 15.47 -0.97 -41.87
N LEU D 185 15.50 -1.86 -42.84
CA LEU D 185 14.39 -2.80 -43.07
C LEU D 185 14.68 -4.15 -42.41
N TYR D 186 13.63 -4.94 -42.19
CA TYR D 186 13.76 -6.23 -41.52
C TYR D 186 13.58 -7.38 -42.51
N SER D 187 14.22 -8.51 -42.23
CA SER D 187 13.93 -9.77 -42.91
C SER D 187 13.94 -10.91 -41.89
N LEU D 188 13.07 -11.89 -42.09
CA LEU D 188 13.15 -13.12 -41.30
C LEU D 188 12.91 -14.36 -42.15
N SER D 189 13.11 -15.52 -41.55
CA SER D 189 12.82 -16.78 -42.22
C SER D 189 11.98 -17.65 -41.31
N SER D 190 11.07 -18.39 -41.92
CA SER D 190 10.32 -19.41 -41.21
C SER D 190 10.55 -20.73 -41.92
N VAL D 191 10.92 -21.75 -41.15
CA VAL D 191 11.17 -23.08 -41.69
C VAL D 191 10.31 -24.11 -41.00
N VAL D 192 9.92 -25.14 -41.74
CA VAL D 192 9.21 -26.25 -41.14
C VAL D 192 9.89 -27.55 -41.55
N THR D 193 10.02 -28.47 -40.60
CA THR D 193 10.61 -29.78 -40.87
C THR D 193 9.50 -30.79 -41.10
N VAL D 194 9.55 -31.47 -42.25
CA VAL D 194 8.47 -32.38 -42.63
C VAL D 194 9.01 -33.71 -43.15
N PRO D 195 8.16 -34.75 -43.18
CA PRO D 195 8.56 -36.04 -43.75
C PRO D 195 8.88 -35.84 -45.23
N SER D 196 10.07 -36.27 -45.66
CA SER D 196 10.42 -36.14 -47.05
C SER D 196 9.54 -37.01 -47.92
N SER D 197 8.84 -37.96 -47.31
CA SER D 197 7.94 -38.84 -48.04
C SER D 197 6.65 -38.11 -48.39
N SER D 198 6.30 -37.09 -47.60
CA SER D 198 5.09 -36.31 -47.84
C SER D 198 5.31 -35.29 -48.96
N LEU D 199 6.57 -34.97 -49.25
CA LEU D 199 6.86 -34.02 -50.32
C LEU D 199 6.21 -34.50 -51.61
N GLY D 200 5.44 -33.63 -52.25
CA GLY D 200 4.88 -34.00 -53.53
C GLY D 200 3.48 -34.57 -53.48
N THR D 201 2.96 -34.85 -52.29
CA THR D 201 1.54 -35.14 -52.15
C THR D 201 0.88 -34.14 -51.21
N GLN D 202 1.58 -33.81 -50.12
CA GLN D 202 1.13 -32.76 -49.22
C GLN D 202 1.60 -31.40 -49.75
N THR D 203 0.71 -30.42 -49.76
CA THR D 203 1.11 -29.09 -50.19
C THR D 203 1.42 -28.22 -48.97
N TYR D 204 2.48 -27.42 -49.10
CA TYR D 204 2.89 -26.55 -48.01
C TYR D 204 2.78 -25.10 -48.40
N ILE D 205 2.04 -24.35 -47.60
CA ILE D 205 1.79 -22.95 -47.88
C ILE D 205 2.10 -22.12 -46.65
N CYS D 206 2.99 -21.15 -46.80
CA CYS D 206 3.30 -20.29 -45.67
C CYS D 206 2.45 -19.02 -45.75
N ASN D 207 1.85 -18.64 -44.63
CA ASN D 207 0.93 -17.51 -44.59
C ASN D 207 1.57 -16.36 -43.82
N VAL D 208 1.96 -15.32 -44.55
CA VAL D 208 2.69 -14.20 -43.96
C VAL D 208 1.75 -13.03 -43.74
N ASN D 209 1.70 -12.53 -42.50
CA ASN D 209 0.85 -11.40 -42.18
C ASN D 209 1.69 -10.25 -41.62
N HIS D 210 1.62 -9.10 -42.28
CA HIS D 210 2.31 -7.89 -41.82
C HIS D 210 1.27 -6.77 -41.63
N LYS D 211 0.73 -6.67 -40.42
CA LYS D 211 -0.36 -5.73 -40.16
C LYS D 211 0.01 -4.25 -40.31
N PRO D 212 1.22 -3.86 -39.91
CA PRO D 212 1.58 -2.44 -40.06
C PRO D 212 1.33 -1.90 -41.48
N SER D 213 1.50 -2.74 -42.49
CA SER D 213 1.29 -2.33 -43.87
C SER D 213 0.04 -2.94 -44.48
N ASN D 214 -0.71 -3.69 -43.68
CA ASN D 214 -1.95 -4.31 -44.15
C ASN D 214 -1.71 -5.25 -45.34
N THR D 215 -0.64 -6.02 -45.25
CA THR D 215 -0.27 -6.96 -46.31
C THR D 215 -0.40 -8.39 -45.77
N LYS D 216 -1.15 -9.22 -46.47
CA LYS D 216 -1.05 -10.67 -46.29
C LYS D 216 -0.51 -11.30 -47.56
N VAL D 217 0.40 -12.25 -47.41
CA VAL D 217 0.93 -13.00 -48.55
C VAL D 217 0.86 -14.50 -48.30
N ASP D 218 0.36 -15.25 -49.28
CA ASP D 218 0.38 -16.71 -49.24
C ASP D 218 1.32 -17.23 -50.31
N LYS D 219 2.25 -18.09 -49.91
CA LYS D 219 3.21 -18.65 -50.86
C LYS D 219 3.29 -20.16 -50.71
N LYS D 220 3.01 -20.87 -51.80
CA LYS D 220 3.12 -22.32 -51.80
C LYS D 220 4.58 -22.68 -52.03
N VAL D 221 5.09 -23.62 -51.23
CA VAL D 221 6.48 -24.01 -51.34
C VAL D 221 6.58 -25.43 -51.88
N GLU D 222 7.19 -25.56 -53.06
CA GLU D 222 7.25 -26.84 -53.76
C GLU D 222 8.69 -27.29 -53.97
N PRO D 223 8.90 -28.61 -54.11
CA PRO D 223 10.20 -29.20 -54.44
C PRO D 223 10.73 -28.71 -55.79
N LYS D 224 12.04 -28.64 -55.94
CA LYS D 224 12.67 -28.14 -57.15
C LYS D 224 12.47 -29.11 -58.33
#